data_9QFV
#
_entry.id   9QFV
#
_cell.length_a   78.634
_cell.length_b   78.634
_cell.length_c   165.051
_cell.angle_alpha   90.00
_cell.angle_beta   90.00
_cell.angle_gamma   120.00
#
_symmetry.space_group_name_H-M   'P 31'
#
loop_
_entity.id
_entity.type
_entity.pdbx_description
1 polymer 'Tryptase beta-2'
2 non-polymer 'ACETATE ION'
3 non-polymer 1,2-ETHANEDIOL
4 non-polymer 'SULFATE ION'
5 non-polymer GLYCEROL
6 non-polymer '2-(N-MORPHOLINO)-ETHANESULFONIC ACID'
7 non-polymer 'PENTAETHYLENE GLYCOL'
8 water water
#
_entity_poly.entity_id   1
_entity_poly.type   'polypeptide(L)'
_entity_poly.pdbx_seq_one_letter_code
;IVGGQEAPRSKWPWQVSLRVHGPYWMHFCGGSLIHPQWVLTAAHCVGPDVKDLAALRVQLREQHLYYQDQLLPVSRIIVH
PQFYTAQIGADIALLELEEPVKVSSHVHTVTLPPASETFPPGMPCWVTGWGDVDNDERLPPPFPLKQVKVPIMENHICDA
KYHLGAYTGDDVRIVRDDMLCAGNTRRDSCQGDSGGPLVCKVNGTWLQAGVVSWGEGCAQPNRPGIYTRVTYYLDWIHHY
VPKKP
;
_entity_poly.pdbx_strand_id   A,B,C,D
#
loop_
_chem_comp.id
_chem_comp.type
_chem_comp.name
_chem_comp.formula
1PE non-polymer 'PENTAETHYLENE GLYCOL' 'C10 H22 O6'
ACT non-polymer 'ACETATE ION' 'C2 H3 O2 -1'
EDO non-polymer 1,2-ETHANEDIOL 'C2 H6 O2'
GOL non-polymer GLYCEROL 'C3 H8 O3'
MES non-polymer '2-(N-MORPHOLINO)-ETHANESULFONIC ACID' 'C6 H13 N O4 S'
SO4 non-polymer 'SULFATE ION' 'O4 S -2'
#
# COMPACT_ATOMS: atom_id res chain seq x y z
N ILE A 1 19.45 10.31 1.84
CA ILE A 1 20.49 10.76 2.84
C ILE A 1 19.79 11.05 4.17
N VAL A 2 20.25 10.44 5.26
CA VAL A 2 19.71 10.61 6.64
C VAL A 2 20.58 11.63 7.38
N GLY A 3 19.94 12.62 8.04
CA GLY A 3 20.60 13.65 8.86
C GLY A 3 21.40 14.63 8.03
N GLY A 4 21.08 14.76 6.74
CA GLY A 4 21.82 15.60 5.80
C GLY A 4 21.25 17.01 5.75
N GLN A 5 21.79 17.81 4.82
CA GLN A 5 21.24 19.13 4.42
C GLN A 5 21.26 19.17 2.89
N GLU A 6 20.50 20.11 2.31
CA GLU A 6 20.55 20.41 0.86
C GLU A 6 21.98 20.82 0.51
N ALA A 7 22.54 20.25 -0.56
CA ALA A 7 23.87 20.59 -1.09
C ALA A 7 23.83 22.01 -1.64
N PRO A 8 24.87 22.86 -1.41
CA PRO A 8 25.04 24.07 -2.20
C PRO A 8 25.19 23.72 -3.69
N ARG A 9 24.70 24.61 -4.56
CA ARG A 9 24.70 24.45 -6.04
C ARG A 9 26.11 24.20 -6.58
N SER A 10 27.15 24.76 -5.94
CA SER A 10 28.57 24.67 -6.40
C SER A 10 29.19 23.31 -6.05
N LYS A 11 28.60 22.52 -5.15
CA LYS A 11 29.21 21.28 -4.59
C LYS A 11 28.76 20.04 -5.37
N TRP A 12 29.66 19.04 -5.44
CA TRP A 12 29.41 17.68 -5.98
C TRP A 12 29.04 17.73 -7.46
N PRO A 13 29.89 18.32 -8.34
CA PRO A 13 29.59 18.41 -9.77
C PRO A 13 29.64 17.07 -10.54
N TRP A 14 30.06 15.99 -9.86
CA TRP A 14 30.19 14.62 -10.41
C TRP A 14 28.95 13.75 -10.11
N GLN A 15 28.07 14.19 -9.19
CA GLN A 15 26.85 13.42 -8.79
C GLN A 15 25.96 13.25 -10.03
N VAL A 16 25.51 12.01 -10.29
CA VAL A 16 24.52 11.72 -11.37
C VAL A 16 23.35 10.94 -10.75
N SER A 17 22.20 11.01 -11.42
CA SER A 17 20.96 10.27 -11.10
C SER A 17 20.73 9.24 -12.22
N LEU A 18 20.51 7.98 -11.86
CA LEU A 18 20.14 6.90 -12.83
C LEU A 18 18.61 6.85 -12.91
N ARG A 19 18.06 6.79 -14.12
CA ARG A 19 16.60 6.85 -14.38
C ARG A 19 16.15 5.59 -15.12
N VAL A 20 15.01 5.04 -14.70
CA VAL A 20 14.36 3.83 -15.30
C VAL A 20 13.08 4.30 -15.99
N HIS A 21 12.78 3.75 -17.19
CA HIS A 21 11.57 4.10 -17.98
C HIS A 21 10.33 3.55 -17.26
N GLY A 22 9.33 4.40 -17.06
CA GLY A 22 7.99 4.03 -16.57
C GLY A 22 6.98 5.09 -16.95
N PRO A 23 5.96 5.38 -16.10
CA PRO A 23 5.10 6.55 -16.28
C PRO A 23 5.91 7.85 -16.46
N TYR A 24 7.05 7.94 -15.76
CA TYR A 24 8.10 8.97 -15.96
C TYR A 24 9.49 8.33 -15.80
N TRP A 25 10.54 9.07 -16.12
CA TRP A 25 11.96 8.63 -15.98
C TRP A 25 12.36 8.78 -14.52
N MET A 26 12.10 7.75 -13.72
CA MET A 26 12.16 7.79 -12.24
C MET A 26 13.60 7.50 -11.78
N HIS A 27 14.10 8.30 -10.84
CA HIS A 27 15.34 8.06 -10.06
C HIS A 27 15.21 6.74 -9.30
N PHE A 28 16.18 5.84 -9.46
CA PHE A 28 16.31 4.59 -8.67
C PHE A 28 17.67 4.52 -7.95
N CYS A 29 18.74 5.14 -8.48
CA CYS A 29 20.12 5.01 -7.93
C CYS A 29 20.95 6.24 -8.29
N GLY A 30 22.02 6.46 -7.52
CA GLY A 30 23.06 7.47 -7.80
C GLY A 30 24.20 6.88 -8.59
N GLY A 31 25.17 7.73 -8.88
CA GLY A 31 26.41 7.43 -9.62
C GLY A 31 27.36 8.60 -9.50
N SER A 32 28.57 8.44 -10.02
CA SER A 32 29.58 9.53 -10.10
C SER A 32 30.17 9.54 -11.51
N LEU A 33 30.40 10.74 -12.05
CA LEU A 33 31.13 10.93 -13.32
C LEU A 33 32.63 10.84 -13.00
N ILE A 34 33.31 9.79 -13.45
CA ILE A 34 34.76 9.54 -13.21
C ILE A 34 35.57 9.85 -14.48
N HIS A 35 34.90 10.13 -15.58
CA HIS A 35 35.48 10.42 -16.92
C HIS A 35 34.36 11.04 -17.74
N PRO A 36 34.64 11.94 -18.70
CA PRO A 36 33.59 12.51 -19.56
C PRO A 36 32.57 11.51 -20.14
N GLN A 37 32.93 10.24 -20.33
CA GLN A 37 32.04 9.23 -20.99
C GLN A 37 31.76 8.04 -20.05
N TRP A 38 32.12 8.11 -18.76
CA TRP A 38 31.95 6.97 -17.83
C TRP A 38 31.36 7.41 -16.49
N VAL A 39 30.31 6.70 -16.07
CA VAL A 39 29.67 6.80 -14.72
C VAL A 39 30.02 5.55 -13.92
N LEU A 40 30.50 5.74 -12.68
CA LEU A 40 30.73 4.68 -11.69
C LEU A 40 29.47 4.57 -10.81
N THR A 41 28.97 3.34 -10.61
CA THR A 41 27.75 3.05 -9.81
C THR A 41 27.91 1.69 -9.09
N ALA A 42 26.87 1.27 -8.39
CA ALA A 42 26.77 -0.04 -7.71
C ALA A 42 26.19 -1.03 -8.71
N ALA A 43 26.76 -2.23 -8.79
CA ALA A 43 26.26 -3.38 -9.59
C ALA A 43 24.80 -3.71 -9.26
N HIS A 44 24.40 -3.65 -7.99
CA HIS A 44 23.04 -4.06 -7.54
C HIS A 44 21.97 -3.12 -8.12
N CYS A 45 22.34 -1.90 -8.54
CA CYS A 45 21.44 -0.92 -9.21
C CYS A 45 21.04 -1.42 -10.61
N VAL A 46 21.91 -2.18 -11.28
CA VAL A 46 21.75 -2.55 -12.72
C VAL A 46 21.92 -4.07 -12.93
N GLY A 47 22.03 -4.86 -11.86
CA GLY A 47 22.25 -6.32 -11.95
C GLY A 47 21.82 -7.05 -10.68
N PRO A 48 22.08 -8.37 -10.52
CA PRO A 48 22.91 -9.13 -11.47
C PRO A 48 22.23 -9.53 -12.78
N ASP A 49 20.89 -9.44 -12.89
CA ASP A 49 20.15 -9.81 -14.12
C ASP A 49 20.31 -8.72 -15.18
N VAL A 50 20.48 -9.13 -16.44
CA VAL A 50 20.76 -8.23 -17.59
C VAL A 50 19.51 -7.36 -17.84
N LYS A 51 19.69 -6.04 -17.95
CA LYS A 51 18.63 -5.03 -18.13
C LYS A 51 18.66 -4.49 -19.57
N ASP A 52 17.54 -3.99 -20.07
CA ASP A 52 17.40 -3.33 -21.39
C ASP A 52 18.04 -1.94 -21.31
N LEU A 53 19.04 -1.64 -22.14
CA LEU A 53 19.72 -0.31 -22.19
C LEU A 53 18.74 0.81 -22.56
N ALA A 54 17.74 0.50 -23.40
CA ALA A 54 16.71 1.47 -23.87
C ALA A 54 15.89 2.02 -22.69
N ALA A 55 15.78 1.26 -21.59
CA ALA A 55 14.98 1.62 -20.39
C ALA A 55 15.84 2.36 -19.36
N LEU A 56 17.10 2.67 -19.65
CA LEU A 56 18.03 3.35 -18.71
C LEU A 56 18.48 4.70 -19.29
N ARG A 57 18.48 5.75 -18.46
CA ARG A 57 19.10 7.06 -18.80
C ARG A 57 19.91 7.57 -17.61
N VAL A 58 20.90 8.42 -17.90
CA VAL A 58 21.70 9.17 -16.88
C VAL A 58 21.26 10.64 -16.92
N GLN A 59 21.11 11.23 -15.74
CA GLN A 59 20.91 12.68 -15.53
C GLN A 59 22.11 13.21 -14.75
N LEU A 60 22.82 14.19 -15.30
CA LEU A 60 23.98 14.85 -14.66
C LEU A 60 23.47 15.74 -13.52
N ARG A 61 24.38 16.30 -12.74
CA ARG A 61 24.04 16.99 -11.47
C ARG A 61 22.92 18.00 -11.73
N GLU A 62 21.81 17.87 -11.00
CA GLU A 62 20.74 18.91 -10.93
C GLU A 62 20.42 19.12 -9.45
N GLN A 63 20.12 20.36 -9.07
CA GLN A 63 19.84 20.75 -7.66
C GLN A 63 18.54 20.09 -7.20
N HIS A 64 17.55 19.99 -8.08
CA HIS A 64 16.20 19.43 -7.81
C HIS A 64 15.87 18.39 -8.88
N LEU A 65 15.68 17.13 -8.48
CA LEU A 65 15.34 16.02 -9.42
C LEU A 65 14.12 16.42 -10.25
N TYR A 66 14.18 16.14 -11.56
CA TYR A 66 13.04 16.10 -12.52
C TYR A 66 12.74 17.48 -13.13
N TYR A 67 13.20 18.59 -12.54
CA TYR A 67 12.70 19.94 -12.92
CA TYR A 67 12.71 19.96 -12.90
C TYR A 67 13.35 20.40 -14.23
N GLN A 68 14.64 20.13 -14.44
CA GLN A 68 15.35 20.55 -15.69
C GLN A 68 16.13 19.35 -16.23
N ASP A 69 15.42 18.27 -16.55
CA ASP A 69 16.04 17.00 -16.99
C ASP A 69 16.63 17.16 -18.39
N GLN A 70 17.86 16.71 -18.58
CA GLN A 70 18.51 16.49 -19.90
C GLN A 70 19.07 15.06 -19.90
N LEU A 71 18.23 14.09 -20.25
CA LEU A 71 18.52 12.65 -20.04
C LEU A 71 19.49 12.17 -21.12
N LEU A 72 20.54 11.46 -20.69
CA LEU A 72 21.64 10.97 -21.56
C LEU A 72 21.49 9.45 -21.73
N PRO A 73 21.51 8.93 -22.97
CA PRO A 73 21.45 7.49 -23.19
C PRO A 73 22.79 6.82 -22.83
N VAL A 74 22.73 5.53 -22.48
CA VAL A 74 23.88 4.68 -22.08
C VAL A 74 24.15 3.72 -23.24
N SER A 75 25.42 3.60 -23.67
CA SER A 75 25.85 2.66 -24.74
C SER A 75 26.16 1.29 -24.14
N ARG A 76 26.67 1.21 -22.91
CA ARG A 76 27.12 -0.07 -22.30
C ARG A 76 26.97 -0.04 -20.78
N ILE A 77 26.41 -1.12 -20.22
CA ILE A 77 26.48 -1.47 -18.77
C ILE A 77 27.57 -2.54 -18.60
N ILE A 78 28.59 -2.26 -17.79
CA ILE A 78 29.65 -3.24 -17.40
C ILE A 78 29.51 -3.48 -15.89
N VAL A 79 28.97 -4.65 -15.51
CA VAL A 79 28.84 -5.09 -14.09
C VAL A 79 30.04 -6.00 -13.79
N HIS A 80 30.66 -5.83 -12.63
CA HIS A 80 31.78 -6.70 -12.20
C HIS A 80 31.33 -8.15 -12.30
N PRO A 81 32.06 -9.03 -13.03
CA PRO A 81 31.61 -10.42 -13.21
C PRO A 81 31.57 -11.25 -11.92
N GLN A 82 32.20 -10.79 -10.84
CA GLN A 82 32.18 -11.47 -9.51
C GLN A 82 30.90 -11.10 -8.75
N PHE A 83 30.09 -10.15 -9.21
CA PHE A 83 28.90 -9.66 -8.46
C PHE A 83 27.72 -10.63 -8.61
N TYR A 84 27.11 -10.97 -7.48
CA TYR A 84 25.74 -11.56 -7.44
C TYR A 84 24.88 -10.79 -6.41
N THR A 85 25.36 -10.55 -5.19
CA THR A 85 24.67 -9.71 -4.16
C THR A 85 25.69 -8.75 -3.52
N ALA A 86 25.19 -7.66 -2.97
CA ALA A 86 25.98 -6.61 -2.28
C ALA A 86 26.71 -7.20 -1.07
N GLN A 87 26.08 -8.15 -0.36
CA GLN A 87 26.62 -8.74 0.90
C GLN A 87 27.81 -9.66 0.57
N ILE A 88 27.81 -10.30 -0.60
CA ILE A 88 28.95 -11.12 -1.08
C ILE A 88 30.07 -10.18 -1.54
N GLY A 89 29.74 -9.12 -2.29
CA GLY A 89 30.66 -8.04 -2.67
C GLY A 89 30.80 -7.89 -4.18
N ALA A 90 31.86 -7.21 -4.61
CA ALA A 90 32.10 -6.75 -6.01
C ALA A 90 30.93 -5.90 -6.50
N ASP A 91 30.37 -5.07 -5.61
CA ASP A 91 29.17 -4.26 -5.87
C ASP A 91 29.62 -2.97 -6.56
N ILE A 92 29.97 -3.09 -7.84
CA ILE A 92 30.55 -1.99 -8.66
C ILE A 92 30.19 -2.26 -10.13
N ALA A 93 29.79 -1.19 -10.84
CA ALA A 93 29.44 -1.22 -12.27
C ALA A 93 29.87 0.08 -12.93
N LEU A 94 30.04 0.03 -14.25
CA LEU A 94 30.40 1.18 -15.11
C LEU A 94 29.28 1.37 -16.14
N LEU A 95 28.82 2.61 -16.30
CA LEU A 95 27.97 3.01 -17.45
C LEU A 95 28.81 3.79 -18.45
N GLU A 96 28.92 3.30 -19.68
CA GLU A 96 29.52 4.07 -20.81
C GLU A 96 28.42 4.90 -21.46
N LEU A 97 28.57 6.21 -21.48
CA LEU A 97 27.60 7.13 -22.12
C LEU A 97 27.81 7.04 -23.65
N GLU A 98 26.78 7.31 -24.43
CA GLU A 98 26.84 7.31 -25.92
C GLU A 98 27.73 8.46 -26.40
N GLU A 99 27.78 9.56 -25.64
CA GLU A 99 28.63 10.75 -25.93
C GLU A 99 29.42 11.13 -24.69
N PRO A 100 30.63 11.71 -24.86
CA PRO A 100 31.33 12.33 -23.74
C PRO A 100 30.59 13.63 -23.37
N VAL A 101 30.55 13.97 -22.09
CA VAL A 101 29.90 15.23 -21.62
C VAL A 101 30.92 16.36 -21.80
N LYS A 102 30.44 17.57 -22.12
CA LYS A 102 31.24 18.81 -22.11
C LYS A 102 31.33 19.28 -20.65
N VAL A 103 32.53 19.27 -20.06
CA VAL A 103 32.72 19.52 -18.60
C VAL A 103 32.75 21.04 -18.35
N SER A 104 32.41 21.44 -17.12
CA SER A 104 32.33 22.84 -16.67
C SER A 104 32.62 22.88 -15.16
N SER A 105 32.60 24.06 -14.56
CA SER A 105 32.75 24.26 -13.08
C SER A 105 31.58 23.56 -12.35
N HIS A 106 30.39 23.55 -12.95
CA HIS A 106 29.12 23.03 -12.38
C HIS A 106 28.95 21.52 -12.62
N VAL A 107 29.54 20.98 -13.70
CA VAL A 107 29.48 19.53 -14.06
C VAL A 107 30.88 19.08 -14.49
N HIS A 108 31.55 18.25 -13.68
CA HIS A 108 32.87 17.66 -14.03
C HIS A 108 33.16 16.42 -13.19
N THR A 109 34.25 15.71 -13.52
CA THR A 109 34.57 14.36 -13.01
C THR A 109 35.08 14.45 -11.57
N VAL A 110 34.90 13.38 -10.80
CA VAL A 110 35.59 13.14 -9.49
C VAL A 110 36.90 12.42 -9.79
N THR A 111 37.92 12.65 -8.96
CA THR A 111 39.25 11.98 -9.05
C THR A 111 39.16 10.64 -8.29
N LEU A 112 39.65 9.56 -8.89
CA LEU A 112 39.81 8.25 -8.20
C LEU A 112 41.10 8.28 -7.39
N PRO A 113 41.13 7.62 -6.21
CA PRO A 113 42.34 7.58 -5.39
C PRO A 113 43.40 6.68 -6.03
N PRO A 114 44.69 6.87 -5.70
CA PRO A 114 45.72 5.89 -6.06
C PRO A 114 45.50 4.59 -5.27
N ALA A 115 46.00 3.45 -5.78
CA ALA A 115 45.94 2.12 -5.14
C ALA A 115 46.51 2.17 -3.71
N SER A 116 47.55 2.98 -3.49
CA SER A 116 48.27 3.10 -2.18
C SER A 116 47.44 3.84 -1.13
N GLU A 117 46.42 4.61 -1.53
CA GLU A 117 45.59 5.48 -0.64
C GLU A 117 44.84 4.63 0.40
N THR A 118 45.09 4.91 1.68
CA THR A 118 44.39 4.31 2.84
C THR A 118 43.74 5.47 3.60
N PHE A 119 42.45 5.69 3.35
CA PHE A 119 41.60 6.71 4.03
C PHE A 119 41.49 6.30 5.50
N PRO A 120 42.17 6.97 6.44
CA PRO A 120 42.28 6.47 7.81
C PRO A 120 40.95 6.60 8.56
N PRO A 121 40.68 5.71 9.55
CA PRO A 121 39.51 5.88 10.43
C PRO A 121 39.39 7.27 11.04
N GLY A 122 38.17 7.80 11.09
CA GLY A 122 37.86 9.13 11.64
C GLY A 122 37.93 10.25 10.62
N MET A 123 38.44 10.00 9.41
CA MET A 123 38.56 11.02 8.33
C MET A 123 37.17 11.51 7.98
N PRO A 124 36.93 12.85 7.92
CA PRO A 124 35.64 13.39 7.48
C PRO A 124 35.47 13.20 5.97
N CYS A 125 34.46 12.43 5.57
CA CYS A 125 34.06 12.17 4.17
C CYS A 125 32.60 12.60 3.99
N TRP A 126 32.15 12.78 2.75
CA TRP A 126 30.78 13.21 2.41
C TRP A 126 30.13 12.17 1.50
N VAL A 127 28.87 11.86 1.79
CA VAL A 127 27.99 11.05 0.91
C VAL A 127 26.85 11.96 0.46
N THR A 128 26.47 11.84 -0.80
CA THR A 128 25.47 12.71 -1.48
C THR A 128 24.44 11.85 -2.20
N GLY A 129 23.22 12.36 -2.36
CA GLY A 129 22.21 11.70 -3.22
C GLY A 129 20.80 12.18 -2.97
N TRP A 130 19.85 11.60 -3.70
CA TRP A 130 18.40 11.93 -3.65
C TRP A 130 17.63 10.79 -2.98
N GLY A 131 18.28 10.00 -2.13
CA GLY A 131 17.66 8.85 -1.47
C GLY A 131 16.79 9.26 -0.29
N ASP A 132 16.22 8.25 0.37
CA ASP A 132 15.27 8.41 1.51
C ASP A 132 15.94 9.21 2.63
N VAL A 133 15.16 10.03 3.34
CA VAL A 133 15.66 10.90 4.44
C VAL A 133 15.57 10.14 5.77
N ASP A 134 14.92 8.97 5.77
CA ASP A 134 14.90 8.01 6.92
C ASP A 134 14.35 6.67 6.42
N ASN A 135 14.28 5.67 7.29
CA ASN A 135 13.72 4.33 6.98
C ASN A 135 12.28 4.52 6.47
N ASP A 136 12.01 4.07 5.23
CA ASP A 136 10.67 4.11 4.58
C ASP A 136 10.12 5.55 4.54
N GLU A 137 10.99 6.56 4.41
CA GLU A 137 10.63 8.00 4.30
C GLU A 137 11.31 8.59 3.07
N ARG A 138 10.56 8.74 1.98
CA ARG A 138 11.07 9.27 0.68
C ARG A 138 11.51 10.73 0.87
N LEU A 139 12.50 11.14 0.07
CA LEU A 139 12.89 12.57 -0.10
C LEU A 139 11.66 13.32 -0.60
N PRO A 140 11.16 14.34 0.13
CA PRO A 140 10.01 15.11 -0.35
C PRO A 140 10.32 15.96 -1.58
N PRO A 141 9.30 16.28 -2.42
CA PRO A 141 9.45 17.32 -3.45
C PRO A 141 9.85 18.63 -2.79
N PRO A 142 10.66 19.52 -3.44
CA PRO A 142 11.10 19.35 -4.82
C PRO A 142 12.41 18.55 -5.03
N PHE A 143 12.71 17.62 -4.13
CA PHE A 143 13.77 16.59 -4.30
C PHE A 143 15.15 17.24 -4.40
N PRO A 144 15.61 17.98 -3.37
CA PRO A 144 16.92 18.61 -3.41
C PRO A 144 18.03 17.57 -3.24
N LEU A 145 19.15 17.73 -3.95
CA LEU A 145 20.37 16.90 -3.71
C LEU A 145 20.82 17.16 -2.26
N LYS A 146 20.96 16.10 -1.48
CA LYS A 146 21.36 16.19 -0.04
C LYS A 146 22.79 15.68 0.12
N GLN A 147 23.44 16.14 1.19
CA GLN A 147 24.84 15.83 1.56
C GLN A 147 24.83 15.51 3.05
N VAL A 148 25.75 14.66 3.52
CA VAL A 148 26.02 14.48 4.97
C VAL A 148 27.49 14.11 5.16
N LYS A 149 28.13 14.71 6.17
CA LYS A 149 29.49 14.36 6.63
C LYS A 149 29.39 13.06 7.43
N VAL A 150 30.16 12.04 7.08
CA VAL A 150 30.20 10.72 7.78
C VAL A 150 31.66 10.37 8.05
N PRO A 151 32.02 9.96 9.28
CA PRO A 151 33.38 9.51 9.57
C PRO A 151 33.60 8.10 9.00
N ILE A 152 34.72 7.89 8.29
CA ILE A 152 35.21 6.54 7.91
C ILE A 152 35.55 5.78 9.19
N MET A 153 35.20 4.51 9.21
CA MET A 153 35.44 3.60 10.37
CA MET A 153 35.39 3.58 10.36
C MET A 153 36.17 2.36 9.85
N GLU A 154 37.07 1.82 10.68
CA GLU A 154 37.91 0.64 10.35
C GLU A 154 36.98 -0.55 10.02
N ASN A 155 37.34 -1.35 9.01
CA ASN A 155 36.56 -2.55 8.59
C ASN A 155 36.36 -3.50 9.76
N HIS A 156 37.38 -3.71 10.58
CA HIS A 156 37.34 -4.64 11.73
C HIS A 156 36.31 -4.15 12.76
N ILE A 157 36.24 -2.84 13.03
CA ILE A 157 35.27 -2.22 13.98
C ILE A 157 33.85 -2.37 13.44
N CYS A 158 33.67 -2.12 12.14
CA CYS A 158 32.34 -2.15 11.46
CA CYS A 158 32.34 -2.16 11.48
C CYS A 158 31.84 -3.61 11.40
N ASP A 159 32.73 -4.55 11.09
CA ASP A 159 32.43 -6.01 11.13
C ASP A 159 31.94 -6.38 12.53
N ALA A 160 32.64 -5.94 13.58
CA ALA A 160 32.31 -6.20 15.00
C ALA A 160 30.91 -5.64 15.32
N LYS A 161 30.58 -4.42 14.85
CA LYS A 161 29.26 -3.79 15.10
C LYS A 161 28.14 -4.64 14.49
N TYR A 162 28.32 -5.15 13.26
CA TYR A 162 27.30 -5.97 12.55
C TYR A 162 27.04 -7.30 13.27
N HIS A 163 27.99 -7.76 14.11
CA HIS A 163 27.87 -8.98 14.94
C HIS A 163 27.12 -8.72 16.25
N LEU A 164 27.08 -7.48 16.75
CA LEU A 164 26.31 -7.11 17.98
C LEU A 164 24.81 -7.25 17.68
N GLY A 165 24.09 -8.02 18.49
CA GLY A 165 22.65 -8.30 18.32
C GLY A 165 22.38 -9.20 17.13
N ALA A 166 23.36 -10.01 16.73
CA ALA A 166 23.27 -10.98 15.60
C ALA A 166 23.69 -12.37 16.08
N TYR A 167 23.17 -13.40 15.42
CA TYR A 167 23.51 -14.83 15.68
C TYR A 167 24.83 -15.19 15.01
N THR A 168 25.25 -14.44 13.97
CA THR A 168 26.45 -14.71 13.15
C THR A 168 27.67 -14.84 14.07
N GLY A 169 28.45 -15.90 13.90
CA GLY A 169 29.69 -16.14 14.66
C GLY A 169 30.66 -15.00 14.47
N ASP A 170 31.32 -14.57 15.54
CA ASP A 170 32.26 -13.40 15.56
C ASP A 170 33.39 -13.58 14.54
N ASP A 171 33.81 -14.82 14.26
CA ASP A 171 34.89 -15.21 13.31
C ASP A 171 34.38 -15.29 11.86
N VAL A 172 33.08 -15.11 11.62
CA VAL A 172 32.46 -15.17 10.26
C VAL A 172 32.33 -13.74 9.76
N ARG A 173 33.05 -13.41 8.69
CA ARG A 173 33.15 -12.03 8.17
C ARG A 173 31.79 -11.62 7.58
N ILE A 174 31.27 -10.44 7.98
CA ILE A 174 30.08 -9.80 7.37
C ILE A 174 30.58 -8.68 6.44
N VAL A 175 31.37 -7.76 6.99
CA VAL A 175 32.00 -6.63 6.23
C VAL A 175 33.32 -7.15 5.68
N ARG A 176 33.44 -7.27 4.36
CA ARG A 176 34.57 -7.94 3.68
C ARG A 176 35.62 -6.90 3.27
N ASP A 177 36.78 -7.36 2.79
CA ASP A 177 37.98 -6.52 2.52
C ASP A 177 37.76 -5.60 1.31
N ASP A 178 36.85 -5.94 0.40
CA ASP A 178 36.49 -5.08 -0.76
C ASP A 178 35.39 -4.06 -0.37
N MET A 179 35.07 -3.93 0.92
CA MET A 179 34.03 -3.00 1.43
C MET A 179 34.68 -1.98 2.36
N LEU A 180 34.01 -0.84 2.51
CA LEU A 180 34.39 0.32 3.34
C LEU A 180 33.16 0.71 4.14
N CYS A 181 33.33 1.27 5.34
CA CYS A 181 32.24 1.53 6.33
CA CYS A 181 32.23 1.54 6.29
C CYS A 181 32.26 2.99 6.79
N ALA A 182 31.08 3.62 6.92
CA ALA A 182 30.90 5.01 7.42
C ALA A 182 29.47 5.22 7.91
N GLY A 183 29.29 6.16 8.85
CA GLY A 183 27.97 6.64 9.31
C GLY A 183 27.65 6.19 10.73
N ASN A 184 26.57 6.73 11.28
CA ASN A 184 26.14 6.53 12.69
C ASN A 184 24.62 6.62 12.73
N THR A 185 24.03 6.72 13.93
CA THR A 185 22.56 6.73 14.16
C THR A 185 21.93 8.07 13.78
N ARG A 186 22.73 9.10 13.47
CA ARG A 186 22.24 10.42 13.00
C ARG A 186 22.55 10.63 11.51
N ARG A 187 23.60 9.99 10.95
CA ARG A 187 24.21 10.35 9.65
C ARG A 187 24.48 9.09 8.83
N ASP A 188 23.81 8.95 7.68
CA ASP A 188 23.92 7.72 6.84
C ASP A 188 23.39 8.00 5.43
N SER A 189 23.75 7.11 4.50
CA SER A 189 23.10 6.96 3.17
C SER A 189 21.89 6.03 3.36
N CYS A 190 20.99 5.98 2.38
CA CYS A 190 19.71 5.22 2.48
C CYS A 190 19.27 4.75 1.08
N GLN A 191 18.12 4.09 1.01
CA GLN A 191 17.50 3.60 -0.26
C GLN A 191 17.38 4.78 -1.24
N GLY A 192 17.90 4.60 -2.46
CA GLY A 192 17.94 5.64 -3.51
C GLY A 192 19.28 6.35 -3.59
N ASP A 193 20.13 6.23 -2.57
CA ASP A 193 21.52 6.78 -2.58
C ASP A 193 22.49 5.77 -3.17
N SER A 194 22.08 4.50 -3.29
CA SER A 194 22.88 3.37 -3.83
C SER A 194 23.56 3.78 -5.13
N GLY A 195 24.83 3.40 -5.28
CA GLY A 195 25.66 3.69 -6.45
C GLY A 195 26.31 5.06 -6.40
N GLY A 196 25.86 5.93 -5.50
CA GLY A 196 26.37 7.29 -5.34
C GLY A 196 27.75 7.29 -4.67
N PRO A 197 28.47 8.43 -4.71
CA PRO A 197 29.83 8.49 -4.22
C PRO A 197 29.97 8.82 -2.73
N LEU A 198 30.92 8.15 -2.05
CA LEU A 198 31.54 8.62 -0.78
C LEU A 198 32.87 9.27 -1.14
N VAL A 199 32.99 10.58 -0.91
CA VAL A 199 34.17 11.40 -1.32
C VAL A 199 34.85 11.95 -0.06
N CYS A 200 36.19 11.97 -0.05
CA CYS A 200 37.03 12.50 1.05
C CYS A 200 38.03 13.49 0.44
N LYS A 201 38.25 14.65 1.09
CA LYS A 201 39.18 15.69 0.59
C LYS A 201 40.56 15.38 1.16
N VAL A 202 41.52 15.04 0.28
CA VAL A 202 42.92 14.65 0.62
C VAL A 202 43.87 15.56 -0.17
N ASN A 203 44.63 16.42 0.52
CA ASN A 203 45.66 17.33 -0.06
C ASN A 203 45.01 18.20 -1.13
N GLY A 204 43.87 18.81 -0.78
CA GLY A 204 43.13 19.76 -1.63
C GLY A 204 42.33 19.10 -2.75
N THR A 205 42.35 17.77 -2.87
CA THR A 205 41.65 17.01 -3.94
C THR A 205 40.56 16.15 -3.30
N TRP A 206 39.34 16.24 -3.85
CA TRP A 206 38.23 15.29 -3.55
C TRP A 206 38.54 13.96 -4.23
N LEU A 207 38.66 12.87 -3.45
CA LEU A 207 38.88 11.49 -3.94
C LEU A 207 37.64 10.65 -3.60
N GLN A 208 37.17 9.85 -4.54
CA GLN A 208 36.04 8.91 -4.29
C GLN A 208 36.60 7.67 -3.57
N ALA A 209 36.35 7.58 -2.26
CA ALA A 209 36.72 6.44 -1.39
C ALA A 209 35.77 5.24 -1.61
N GLY A 210 34.48 5.51 -1.87
CA GLY A 210 33.42 4.48 -1.79
C GLY A 210 32.29 4.67 -2.79
N VAL A 211 31.57 3.57 -3.04
CA VAL A 211 30.27 3.54 -3.77
C VAL A 211 29.23 3.03 -2.75
N VAL A 212 28.12 3.75 -2.57
CA VAL A 212 27.00 3.34 -1.65
C VAL A 212 26.55 1.95 -2.08
N SER A 213 26.62 0.96 -1.18
CA SER A 213 26.39 -0.47 -1.48
C SER A 213 25.18 -1.01 -0.70
N TRP A 214 25.30 -1.17 0.63
CA TRP A 214 24.25 -1.84 1.43
C TRP A 214 24.36 -1.45 2.90
N GLY A 215 23.36 -1.89 3.67
CA GLY A 215 23.34 -1.80 5.13
C GLY A 215 22.04 -2.37 5.65
N GLU A 216 21.95 -2.57 6.96
CA GLU A 216 20.68 -2.98 7.61
C GLU A 216 19.91 -1.70 7.94
N GLY A 217 18.94 -1.35 7.10
CA GLY A 217 18.21 -0.08 7.18
C GLY A 217 19.17 1.10 7.05
N CYS A 218 18.76 2.24 7.62
CA CYS A 218 19.47 3.54 7.53
C CYS A 218 19.59 4.09 8.95
N ALA A 219 20.81 4.42 9.37
CA ALA A 219 21.14 5.05 10.67
C ALA A 219 20.58 4.23 11.85
N GLN A 220 20.61 2.90 11.75
CA GLN A 220 20.23 1.96 12.84
C GLN A 220 21.43 1.73 13.76
N PRO A 221 21.22 1.53 15.08
CA PRO A 221 22.32 1.23 16.01
C PRO A 221 23.20 0.05 15.56
N ASN A 222 24.51 0.25 15.54
CA ASN A 222 25.55 -0.79 15.25
C ASN A 222 25.41 -1.30 13.81
N ARG A 223 24.83 -0.50 12.90
CA ARG A 223 24.63 -0.88 11.48
C ARG A 223 25.01 0.29 10.59
N PRO A 224 26.32 0.68 10.57
CA PRO A 224 26.76 1.74 9.67
C PRO A 224 26.63 1.34 8.18
N GLY A 225 26.56 2.36 7.32
CA GLY A 225 26.54 2.21 5.86
C GLY A 225 27.75 1.43 5.37
N ILE A 226 27.53 0.46 4.49
CA ILE A 226 28.61 -0.31 3.80
C ILE A 226 28.71 0.22 2.36
N TYR A 227 29.94 0.43 1.92
CA TYR A 227 30.31 1.01 0.60
C TYR A 227 31.26 0.03 -0.08
N THR A 228 31.23 -0.07 -1.40
CA THR A 228 32.29 -0.76 -2.18
C THR A 228 33.56 0.09 -2.04
N ARG A 229 34.67 -0.54 -1.65
CA ARG A 229 36.00 0.13 -1.50
C ARG A 229 36.59 0.36 -2.91
N VAL A 230 36.68 1.61 -3.35
CA VAL A 230 37.06 1.94 -4.77
C VAL A 230 38.49 1.47 -5.03
N THR A 231 39.42 1.65 -4.08
CA THR A 231 40.85 1.26 -4.24
C THR A 231 40.96 -0.22 -4.59
N TYR A 232 40.06 -1.06 -4.06
CA TYR A 232 40.02 -2.53 -4.30
C TYR A 232 39.84 -2.84 -5.79
N TYR A 233 39.07 -2.02 -6.52
CA TYR A 233 38.63 -2.31 -7.91
C TYR A 233 39.23 -1.33 -8.93
N LEU A 234 40.29 -0.58 -8.58
CA LEU A 234 40.95 0.40 -9.49
C LEU A 234 41.40 -0.27 -10.79
N ASP A 235 42.06 -1.43 -10.70
CA ASP A 235 42.59 -2.18 -11.87
C ASP A 235 41.44 -2.56 -12.80
N TRP A 236 40.31 -3.01 -12.24
CA TRP A 236 39.09 -3.36 -13.02
C TRP A 236 38.52 -2.10 -13.69
N ILE A 237 38.42 -0.99 -12.96
CA ILE A 237 37.90 0.31 -13.49
C ILE A 237 38.81 0.74 -14.66
N HIS A 238 40.13 0.76 -14.44
CA HIS A 238 41.15 1.24 -15.41
C HIS A 238 41.30 0.28 -16.59
N HIS A 239 40.75 -0.94 -16.51
CA HIS A 239 40.65 -1.87 -17.65
C HIS A 239 39.73 -1.31 -18.73
N TYR A 240 38.75 -0.48 -18.36
CA TYR A 240 37.72 0.10 -19.26
C TYR A 240 37.88 1.63 -19.41
N VAL A 241 38.17 2.34 -18.31
CA VAL A 241 38.12 3.82 -18.24
C VAL A 241 39.52 4.37 -18.45
N PRO A 242 39.77 5.18 -19.51
CA PRO A 242 41.08 5.83 -19.69
C PRO A 242 41.48 6.72 -18.51
N LYS A 243 42.75 6.65 -18.12
CA LYS A 243 43.33 7.45 -17.00
C LYS A 243 43.37 8.92 -17.42
N LYS A 244 43.36 9.84 -16.45
CA LYS A 244 43.46 11.31 -16.69
C LYS A 244 44.88 11.63 -17.16
N ILE B 1 -5.88 16.27 -14.05
CA ILE B 1 -6.53 16.59 -15.36
C ILE B 1 -6.34 15.40 -16.31
N VAL B 2 -7.44 14.91 -16.89
CA VAL B 2 -7.45 13.79 -17.87
C VAL B 2 -7.51 14.38 -19.28
N GLY B 3 -6.64 13.91 -20.18
CA GLY B 3 -6.61 14.26 -21.61
C GLY B 3 -6.17 15.69 -21.85
N GLY B 4 -5.44 16.27 -20.91
CA GLY B 4 -5.02 17.67 -20.98
C GLY B 4 -3.70 17.86 -21.71
N GLN B 5 -3.18 19.09 -21.67
CA GLN B 5 -1.74 19.39 -21.93
C GLN B 5 -1.24 20.28 -20.81
N GLU B 6 0.08 20.44 -20.70
CA GLU B 6 0.72 21.41 -19.79
C GLU B 6 0.22 22.81 -20.17
N ALA B 7 -0.19 23.61 -19.19
CA ALA B 7 -0.64 25.00 -19.38
C ALA B 7 0.56 25.85 -19.79
N PRO B 8 0.43 26.74 -20.79
CA PRO B 8 1.43 27.79 -20.99
C PRO B 8 1.53 28.67 -19.73
N ARG B 9 2.72 29.20 -19.48
CA ARG B 9 3.10 30.02 -18.29
C ARG B 9 2.18 31.24 -18.16
N SER B 10 1.71 31.81 -19.27
CA SER B 10 0.87 33.03 -19.34
C SER B 10 -0.60 32.74 -18.99
N LYS B 11 -1.04 31.48 -18.95
CA LYS B 11 -2.46 31.10 -18.77
C LYS B 11 -2.78 30.81 -17.30
N TRP B 12 -4.01 31.14 -16.89
CA TRP B 12 -4.64 30.77 -15.59
C TRP B 12 -3.87 31.39 -14.43
N PRO B 13 -3.73 32.73 -14.38
CA PRO B 13 -3.01 33.40 -13.30
C PRO B 13 -3.72 33.36 -11.93
N TRP B 14 -4.94 32.85 -11.89
CA TRP B 14 -5.82 32.73 -10.69
C TRP B 14 -5.72 31.35 -10.04
N GLN B 15 -5.13 30.34 -10.72
CA GLN B 15 -5.00 28.97 -10.19
C GLN B 15 -4.16 29.01 -8.91
N VAL B 16 -4.64 28.38 -7.84
CA VAL B 16 -3.90 28.21 -6.57
C VAL B 16 -3.90 26.72 -6.20
N SER B 17 -2.90 26.33 -5.40
CA SER B 17 -2.72 24.99 -4.81
C SER B 17 -2.98 25.11 -3.31
N LEU B 18 -3.85 24.25 -2.75
CA LEU B 18 -4.03 24.13 -1.28
C LEU B 18 -3.06 23.08 -0.75
N ARG B 19 -2.35 23.37 0.34
CA ARG B 19 -1.31 22.49 0.93
C ARG B 19 -1.69 22.12 2.37
N VAL B 20 -1.50 20.85 2.72
CA VAL B 20 -1.73 20.30 4.09
C VAL B 20 -0.36 19.97 4.70
N HIS B 21 -0.18 20.25 5.98
CA HIS B 21 1.08 19.97 6.73
C HIS B 21 1.23 18.45 6.89
N GLY B 22 2.40 17.92 6.56
CA GLY B 22 2.79 16.53 6.84
C GLY B 22 4.31 16.42 6.77
N PRO B 23 4.85 15.29 6.23
CA PRO B 23 6.27 15.20 5.92
C PRO B 23 6.75 16.40 5.06
N TYR B 24 5.89 16.87 4.16
CA TYR B 24 6.04 18.13 3.40
C TYR B 24 4.67 18.80 3.21
N TRP B 25 4.66 20.03 2.68
CA TRP B 25 3.42 20.80 2.41
C TRP B 25 2.80 20.28 1.10
N MET B 26 1.96 19.26 1.22
CA MET B 26 1.48 18.45 0.06
C MET B 26 0.20 19.08 -0.51
N HIS B 27 0.15 19.19 -1.84
CA HIS B 27 -1.07 19.54 -2.62
C HIS B 27 -2.17 18.51 -2.35
N PHE B 28 -3.38 18.96 -1.98
CA PHE B 28 -4.59 18.09 -1.83
C PHE B 28 -5.76 18.63 -2.68
N CYS B 29 -5.85 19.93 -2.94
CA CYS B 29 -6.96 20.54 -3.71
C CYS B 29 -6.48 21.77 -4.49
N GLY B 30 -7.24 22.15 -5.51
CA GLY B 30 -7.09 23.42 -6.22
C GLY B 30 -7.99 24.50 -5.62
N GLY B 31 -7.89 25.70 -6.18
CA GLY B 31 -8.65 26.90 -5.80
C GLY B 31 -8.47 27.98 -6.85
N SER B 32 -9.17 29.09 -6.69
CA SER B 32 -9.02 30.27 -7.57
C SER B 32 -8.91 31.53 -6.70
N LEU B 33 -8.02 32.44 -7.08
CA LEU B 33 -7.94 33.80 -6.48
C LEU B 33 -9.07 34.65 -7.09
N ILE B 34 -10.04 35.05 -6.28
CA ILE B 34 -11.20 35.89 -6.73
C ILE B 34 -11.08 37.31 -6.17
N HIS B 35 -10.12 37.54 -5.27
CA HIS B 35 -9.83 38.84 -4.64
C HIS B 35 -8.41 38.73 -4.11
N PRO B 36 -7.61 39.83 -4.02
CA PRO B 36 -6.28 39.76 -3.43
C PRO B 36 -6.15 39.04 -2.07
N GLN B 37 -7.23 38.94 -1.29
CA GLN B 37 -7.22 38.30 0.05
C GLN B 37 -8.16 37.09 0.12
N TRP B 38 -8.77 36.64 -0.98
CA TRP B 38 -9.79 35.55 -0.95
C TRP B 38 -9.56 34.50 -2.04
N VAL B 39 -9.60 33.23 -1.62
CA VAL B 39 -9.52 32.04 -2.51
C VAL B 39 -10.87 31.33 -2.48
N LEU B 40 -11.41 31.02 -3.65
CA LEU B 40 -12.63 30.20 -3.83
C LEU B 40 -12.19 28.75 -4.03
N THR B 41 -12.82 27.82 -3.28
CA THR B 41 -12.52 26.36 -3.35
C THR B 41 -13.81 25.55 -3.15
N ALA B 42 -13.69 24.22 -3.11
CA ALA B 42 -14.78 23.29 -2.78
C ALA B 42 -14.81 23.10 -1.26
N ALA B 43 -15.98 23.11 -0.66
CA ALA B 43 -16.21 22.80 0.77
C ALA B 43 -15.63 21.43 1.16
N HIS B 44 -15.74 20.40 0.30
CA HIS B 44 -15.30 19.02 0.62
C HIS B 44 -13.79 18.96 0.82
N CYS B 45 -13.03 19.91 0.27
CA CYS B 45 -11.57 20.04 0.44
C CYS B 45 -11.22 20.41 1.90
N VAL B 46 -12.08 21.17 2.59
CA VAL B 46 -11.77 21.76 3.92
C VAL B 46 -12.87 21.43 4.95
N GLY B 47 -13.85 20.60 4.60
CA GLY B 47 -15.01 20.31 5.48
C GLY B 47 -15.66 18.98 5.13
N PRO B 48 -16.80 18.60 5.76
CA PRO B 48 -17.54 19.49 6.66
C PRO B 48 -16.96 19.70 8.08
N ASP B 49 -15.99 18.88 8.49
CA ASP B 49 -15.40 18.92 9.85
C ASP B 49 -14.41 20.08 9.94
N VAL B 50 -14.41 20.78 11.08
CA VAL B 50 -13.54 21.95 11.36
C VAL B 50 -12.10 21.44 11.46
N LYS B 51 -11.19 22.04 10.70
CA LYS B 51 -9.75 21.67 10.64
C LYS B 51 -8.88 22.82 11.15
N ASP B 52 -7.67 22.49 11.61
CA ASP B 52 -6.68 23.45 12.18
C ASP B 52 -6.13 24.31 11.03
N LEU B 53 -6.35 25.63 11.09
CA LEU B 53 -5.88 26.63 10.08
C LEU B 53 -4.36 26.56 9.94
N ALA B 54 -3.62 26.31 11.04
CA ALA B 54 -2.14 26.27 11.09
C ALA B 54 -1.59 25.16 10.18
N ALA B 55 -2.36 24.11 9.91
CA ALA B 55 -1.95 22.97 9.05
C ALA B 55 -2.37 23.18 7.58
N LEU B 56 -2.87 24.36 7.22
CA LEU B 56 -3.27 24.72 5.84
C LEU B 56 -2.41 25.88 5.33
N ARG B 57 -1.94 25.79 4.09
CA ARG B 57 -1.27 26.91 3.37
C ARG B 57 -1.81 27.00 1.94
N VAL B 58 -1.70 28.20 1.35
CA VAL B 58 -2.07 28.47 -0.05
C VAL B 58 -0.78 28.78 -0.83
N GLN B 59 -0.66 28.22 -2.02
CA GLN B 59 0.42 28.49 -3.00
C GLN B 59 -0.23 29.12 -4.23
N LEU B 60 0.22 30.31 -4.63
CA LEU B 60 -0.25 31.02 -5.84
C LEU B 60 0.29 30.29 -7.08
N ARG B 61 -0.17 30.68 -8.28
CA ARG B 61 0.12 29.92 -9.52
C ARG B 61 1.62 29.62 -9.61
N GLU B 62 1.98 28.35 -9.78
CA GLU B 62 3.34 27.94 -10.20
C GLU B 62 3.19 26.97 -11.38
N GLN B 63 4.15 27.00 -12.31
CA GLN B 63 4.17 26.15 -13.51
C GLN B 63 4.40 24.69 -13.10
N HIS B 64 5.25 24.47 -12.09
CA HIS B 64 5.63 23.12 -11.58
C HIS B 64 5.46 23.11 -10.05
N LEU B 65 4.54 22.30 -9.51
CA LEU B 65 4.29 22.19 -8.05
C LEU B 65 5.60 21.95 -7.32
N TYR B 66 5.79 22.66 -6.19
CA TYR B 66 6.80 22.40 -5.13
C TYR B 66 8.15 23.07 -5.44
N TYR B 67 8.42 23.47 -6.68
CA TYR B 67 9.78 23.90 -7.12
CA TYR B 67 9.78 23.90 -7.09
C TYR B 67 10.09 25.32 -6.61
N GLN B 68 9.11 26.23 -6.62
CA GLN B 68 9.32 27.64 -6.20
C GLN B 68 8.24 28.04 -5.20
N ASP B 69 8.11 27.30 -4.10
CA ASP B 69 7.01 27.48 -3.13
C ASP B 69 7.22 28.78 -2.33
N GLN B 70 6.18 29.60 -2.26
CA GLN B 70 6.05 30.74 -1.31
C GLN B 70 4.69 30.59 -0.63
N LEU B 71 4.64 29.82 0.45
CA LEU B 71 3.36 29.34 1.05
C LEU B 71 2.75 30.48 1.88
N LEU B 72 1.45 30.71 1.74
CA LEU B 72 0.71 31.81 2.39
C LEU B 72 -0.19 31.22 3.46
N PRO B 73 -0.13 31.75 4.72
CA PRO B 73 -1.03 31.30 5.77
C PRO B 73 -2.45 31.85 5.57
N VAL B 74 -3.43 31.16 6.16
CA VAL B 74 -4.88 31.45 6.04
C VAL B 74 -5.36 31.97 7.39
N SER B 75 -6.11 33.07 7.40
CA SER B 75 -6.73 33.65 8.62
C SER B 75 -8.09 33.00 8.91
N ARG B 76 -8.84 32.61 7.86
CA ARG B 76 -10.26 32.21 7.99
C ARG B 76 -10.65 31.18 6.92
N ILE B 77 -11.35 30.11 7.34
CA ILE B 77 -12.05 29.15 6.44
C ILE B 77 -13.55 29.38 6.60
N ILE B 78 -14.23 29.69 5.51
CA ILE B 78 -15.71 29.89 5.48
C ILE B 78 -16.30 28.85 4.52
N VAL B 79 -17.04 27.90 5.08
CA VAL B 79 -17.67 26.78 4.32
C VAL B 79 -19.17 27.05 4.28
N HIS B 80 -19.81 26.83 3.12
CA HIS B 80 -21.26 27.06 2.96
C HIS B 80 -21.98 26.26 4.04
N PRO B 81 -22.86 26.90 4.86
CA PRO B 81 -23.51 26.18 5.97
C PRO B 81 -24.48 25.08 5.51
N GLN B 82 -24.87 25.06 4.23
CA GLN B 82 -25.74 23.99 3.64
C GLN B 82 -24.90 22.75 3.29
N PHE B 83 -23.56 22.84 3.29
CA PHE B 83 -22.68 21.73 2.84
C PHE B 83 -22.56 20.64 3.90
N TYR B 84 -22.79 19.39 3.48
CA TYR B 84 -22.35 18.19 4.22
C TYR B 84 -21.62 17.23 3.27
N THR B 85 -22.16 16.94 2.08
CA THR B 85 -21.49 16.13 1.03
C THR B 85 -21.64 16.79 -0.33
N ALA B 86 -20.71 16.51 -1.25
CA ALA B 86 -20.71 17.04 -2.63
C ALA B 86 -21.98 16.63 -3.39
N GLN B 87 -22.49 15.42 -3.13
CA GLN B 87 -23.65 14.85 -3.88
C GLN B 87 -24.95 15.54 -3.44
N ILE B 88 -25.02 16.02 -2.19
CA ILE B 88 -26.18 16.82 -1.70
C ILE B 88 -26.07 18.24 -2.27
N GLY B 89 -24.87 18.82 -2.23
CA GLY B 89 -24.55 20.11 -2.89
C GLY B 89 -24.03 21.16 -1.92
N ALA B 90 -24.02 22.41 -2.36
CA ALA B 90 -23.42 23.59 -1.68
C ALA B 90 -21.92 23.34 -1.47
N ASP B 91 -21.27 22.70 -2.46
CA ASP B 91 -19.83 22.33 -2.39
C ASP B 91 -19.00 23.55 -2.78
N ILE B 92 -18.92 24.51 -1.87
CA ILE B 92 -18.26 25.81 -2.08
C ILE B 92 -17.77 26.32 -0.72
N ALA B 93 -16.54 26.83 -0.70
CA ALA B 93 -15.87 27.42 0.49
C ALA B 93 -15.00 28.60 0.06
N LEU B 94 -14.63 29.42 1.04
CA LEU B 94 -13.79 30.63 0.89
C LEU B 94 -12.62 30.55 1.88
N LEU B 95 -11.41 30.84 1.43
CA LEU B 95 -10.21 31.00 2.30
C LEU B 95 -9.84 32.47 2.34
N GLU B 96 -9.79 33.07 3.53
CA GLU B 96 -9.23 34.44 3.71
C GLU B 96 -7.74 34.31 4.01
N LEU B 97 -6.89 34.93 3.19
CA LEU B 97 -5.43 35.00 3.43
C LEU B 97 -5.18 36.02 4.55
N GLU B 98 -4.09 35.85 5.28
CA GLU B 98 -3.67 36.74 6.39
C GLU B 98 -3.29 38.11 5.83
N GLU B 99 -2.79 38.16 4.60
CA GLU B 99 -2.40 39.41 3.89
C GLU B 99 -2.99 39.38 2.48
N PRO B 100 -3.28 40.56 1.90
CA PRO B 100 -3.64 40.64 0.49
C PRO B 100 -2.37 40.38 -0.34
N VAL B 101 -2.51 39.67 -1.44
CA VAL B 101 -1.37 39.39 -2.36
C VAL B 101 -1.22 40.60 -3.29
N LYS B 102 0.01 40.86 -3.75
CA LYS B 102 0.31 41.84 -4.82
C LYS B 102 0.02 41.15 -6.16
N VAL B 103 -0.90 41.70 -6.94
CA VAL B 103 -1.32 41.12 -8.25
C VAL B 103 -0.35 41.58 -9.33
N SER B 104 -0.26 40.80 -10.41
CA SER B 104 0.60 41.02 -11.60
C SER B 104 -0.05 40.34 -12.81
N SER B 105 0.57 40.41 -13.98
CA SER B 105 0.11 39.71 -15.21
C SER B 105 0.14 38.20 -15.00
N HIS B 106 1.11 37.69 -14.22
CA HIS B 106 1.36 36.25 -13.96
C HIS B 106 0.49 35.73 -12.80
N VAL B 107 0.09 36.58 -11.85
CA VAL B 107 -0.75 36.20 -10.67
C VAL B 107 -1.82 37.28 -10.47
N HIS B 108 -3.09 36.98 -10.76
CA HIS B 108 -4.23 37.91 -10.54
C HIS B 108 -5.56 37.16 -10.48
N THR B 109 -6.62 37.87 -10.14
CA THR B 109 -7.96 37.33 -9.79
C THR B 109 -8.69 36.87 -11.06
N VAL B 110 -9.59 35.91 -10.91
CA VAL B 110 -10.59 35.51 -11.95
C VAL B 110 -11.86 36.31 -11.68
N THR B 111 -12.59 36.64 -12.75
CA THR B 111 -13.89 37.37 -12.70
C THR B 111 -15.01 36.35 -12.47
N LEU B 112 -15.90 36.64 -11.52
CA LEU B 112 -17.12 35.83 -11.27
C LEU B 112 -18.19 36.22 -12.27
N PRO B 113 -19.05 35.26 -12.70
CA PRO B 113 -20.07 35.56 -13.71
C PRO B 113 -21.20 36.40 -13.13
N PRO B 114 -21.97 37.12 -13.96
CA PRO B 114 -23.24 37.68 -13.51
C PRO B 114 -24.24 36.55 -13.27
N ALA B 115 -25.26 36.80 -12.44
CA ALA B 115 -26.28 35.81 -12.01
C ALA B 115 -26.99 35.19 -13.22
N SER B 116 -27.20 35.95 -14.29
CA SER B 116 -27.98 35.55 -15.49
C SER B 116 -27.22 34.54 -16.36
N GLU B 117 -25.89 34.43 -16.24
CA GLU B 117 -25.10 33.56 -17.17
C GLU B 117 -25.38 32.08 -16.84
N THR B 118 -25.85 31.31 -17.83
CA THR B 118 -26.25 29.87 -17.68
C THR B 118 -25.15 28.91 -18.17
N PHE B 119 -24.22 29.38 -19.00
CA PHE B 119 -23.13 28.60 -19.64
C PHE B 119 -23.72 27.45 -20.46
N PRO B 120 -24.35 27.72 -21.63
CA PRO B 120 -24.99 26.66 -22.41
C PRO B 120 -23.97 25.73 -23.08
N PRO B 121 -24.36 24.51 -23.49
CA PRO B 121 -23.52 23.65 -24.31
C PRO B 121 -22.96 24.34 -25.56
N GLY B 122 -21.72 24.02 -25.95
CA GLY B 122 -21.01 24.63 -27.08
C GLY B 122 -20.13 25.79 -26.66
N MET B 123 -20.35 26.36 -25.47
CA MET B 123 -19.45 27.40 -24.90
C MET B 123 -18.07 26.80 -24.66
N PRO B 124 -16.96 27.46 -25.07
CA PRO B 124 -15.61 26.95 -24.81
C PRO B 124 -15.24 27.13 -23.33
N CYS B 125 -15.05 26.02 -22.60
CA CYS B 125 -14.70 26.04 -21.15
C CYS B 125 -13.48 25.15 -20.89
N TRP B 126 -12.65 25.60 -19.94
CA TRP B 126 -11.37 24.96 -19.56
C TRP B 126 -11.35 24.65 -18.06
N VAL B 127 -10.83 23.48 -17.68
CA VAL B 127 -10.57 23.11 -16.27
C VAL B 127 -9.06 22.87 -16.14
N THR B 128 -8.49 23.28 -15.01
CA THR B 128 -7.03 23.33 -14.77
C THR B 128 -6.72 22.74 -13.38
N GLY B 129 -5.54 22.14 -13.24
CA GLY B 129 -5.04 21.73 -11.92
C GLY B 129 -3.89 20.76 -12.02
N TRP B 130 -3.44 20.29 -10.86
CA TRP B 130 -2.31 19.36 -10.67
C TRP B 130 -2.82 17.99 -10.24
N GLY B 131 -4.07 17.66 -10.58
CA GLY B 131 -4.71 16.39 -10.17
C GLY B 131 -4.25 15.23 -11.04
N ASP B 132 -4.80 14.05 -10.76
CA ASP B 132 -4.44 12.76 -11.40
C ASP B 132 -4.68 12.88 -12.92
N VAL B 133 -3.84 12.22 -13.72
CA VAL B 133 -3.90 12.24 -15.20
C VAL B 133 -4.84 11.13 -15.70
N ASP B 134 -5.25 10.22 -14.80
CA ASP B 134 -6.28 9.18 -15.05
C ASP B 134 -6.73 8.60 -13.71
N ASN B 135 -7.68 7.66 -13.71
CA ASN B 135 -8.13 6.96 -12.46
C ASN B 135 -6.92 6.29 -11.80
N ASP B 136 -6.64 6.66 -10.55
CA ASP B 136 -5.54 6.10 -9.70
C ASP B 136 -4.17 6.29 -10.38
N GLU B 137 -4.00 7.34 -11.19
CA GLU B 137 -2.73 7.65 -11.92
C GLU B 137 -2.30 9.08 -11.59
N ARG B 138 -1.36 9.23 -10.65
CA ARG B 138 -0.90 10.57 -10.17
C ARG B 138 -0.19 11.31 -11.30
N LEU B 139 -0.25 12.64 -11.26
CA LEU B 139 0.59 13.53 -12.11
C LEU B 139 2.05 13.23 -11.79
N PRO B 140 2.89 12.81 -12.77
CA PRO B 140 4.31 12.61 -12.52
C PRO B 140 5.08 13.89 -12.22
N PRO B 141 6.22 13.83 -11.50
CA PRO B 141 7.14 14.97 -11.43
C PRO B 141 7.61 15.34 -12.82
N PRO B 142 7.92 16.62 -13.15
CA PRO B 142 7.94 17.72 -12.18
C PRO B 142 6.61 18.45 -11.95
N PHE B 143 5.48 17.77 -12.15
CA PHE B 143 4.13 18.22 -11.70
C PHE B 143 3.72 19.51 -12.42
N PRO B 144 3.62 19.51 -13.77
CA PRO B 144 3.22 20.69 -14.50
C PRO B 144 1.72 20.96 -14.30
N LEU B 145 1.33 22.23 -14.19
CA LEU B 145 -0.09 22.63 -14.22
C LEU B 145 -0.66 22.21 -15.58
N LYS B 146 -1.73 21.41 -15.58
CA LYS B 146 -2.40 20.93 -16.80
C LYS B 146 -3.72 21.70 -17.00
N GLN B 147 -4.17 21.73 -18.26
CA GLN B 147 -5.42 22.35 -18.72
C GLN B 147 -6.12 21.34 -19.63
N VAL B 148 -7.44 21.37 -19.71
CA VAL B 148 -8.19 20.61 -20.75
C VAL B 148 -9.48 21.37 -21.07
N LYS B 149 -9.80 21.45 -22.36
CA LYS B 149 -11.08 22.01 -22.86
C LYS B 149 -12.16 20.93 -22.65
N VAL B 150 -13.22 21.26 -21.91
CA VAL B 150 -14.30 20.29 -21.58
C VAL B 150 -15.60 20.82 -22.18
N PRO B 151 -16.38 19.97 -22.89
CA PRO B 151 -17.68 20.37 -23.40
C PRO B 151 -18.68 20.43 -22.23
N ILE B 152 -19.30 21.59 -22.01
CA ILE B 152 -20.45 21.73 -21.07
C ILE B 152 -21.62 20.92 -21.65
N MET B 153 -22.36 20.23 -20.78
CA MET B 153 -23.62 19.54 -21.14
C MET B 153 -24.74 20.03 -20.24
N GLU B 154 -25.97 20.11 -20.76
CA GLU B 154 -27.18 20.57 -20.03
C GLU B 154 -27.41 19.68 -18.80
N ASN B 155 -27.86 20.27 -17.68
CA ASN B 155 -28.06 19.56 -16.39
C ASN B 155 -29.01 18.37 -16.60
N HIS B 156 -30.09 18.54 -17.37
CA HIS B 156 -31.11 17.46 -17.60
C HIS B 156 -30.47 16.28 -18.34
N ILE B 157 -29.60 16.54 -19.32
CA ILE B 157 -28.88 15.49 -20.12
C ILE B 157 -27.93 14.72 -19.20
N CYS B 158 -27.19 15.45 -18.37
CA CYS B 158 -26.18 14.90 -17.43
CA CYS B 158 -26.19 14.87 -17.44
C CYS B 158 -26.89 14.07 -16.34
N ASP B 159 -28.01 14.57 -15.83
CA ASP B 159 -28.87 13.84 -14.85
C ASP B 159 -29.30 12.49 -15.47
N ALA B 160 -29.78 12.51 -16.71
CA ALA B 160 -30.22 11.28 -17.45
C ALA B 160 -29.04 10.30 -17.59
N LYS B 161 -27.83 10.78 -17.91
CA LYS B 161 -26.64 9.91 -18.08
C LYS B 161 -26.27 9.24 -16.75
N TYR B 162 -26.37 9.95 -15.62
CA TYR B 162 -26.04 9.42 -14.27
C TYR B 162 -27.03 8.31 -13.87
N HIS B 163 -28.24 8.29 -14.46
CA HIS B 163 -29.28 7.26 -14.24
C HIS B 163 -29.04 6.00 -15.09
N LEU B 164 -28.31 6.10 -16.22
CA LEU B 164 -27.96 4.93 -17.07
C LEU B 164 -27.01 4.01 -16.30
N GLY B 165 -27.35 2.73 -16.18
CA GLY B 165 -26.59 1.72 -15.43
C GLY B 165 -26.69 1.93 -13.93
N ALA B 166 -27.77 2.58 -13.46
CA ALA B 166 -28.03 2.83 -12.03
C ALA B 166 -29.43 2.33 -11.65
N TYR B 167 -29.60 1.96 -10.39
CA TYR B 167 -30.89 1.53 -9.80
C TYR B 167 -31.76 2.76 -9.47
N THR B 168 -31.15 3.94 -9.29
CA THR B 168 -31.83 5.18 -8.84
C THR B 168 -32.98 5.48 -9.81
N GLY B 169 -34.17 5.74 -9.28
CA GLY B 169 -35.39 6.09 -10.06
C GLY B 169 -35.15 7.32 -10.91
N ASP B 170 -35.67 7.31 -12.15
CA ASP B 170 -35.45 8.38 -13.17
C ASP B 170 -35.90 9.75 -12.65
N ASP B 171 -36.91 9.81 -11.79
CA ASP B 171 -37.50 11.07 -11.24
C ASP B 171 -36.80 11.48 -9.94
N VAL B 172 -35.77 10.74 -9.50
CA VAL B 172 -34.94 11.11 -8.33
C VAL B 172 -33.69 11.81 -8.86
N ARG B 173 -33.60 13.13 -8.68
CA ARG B 173 -32.55 13.95 -9.34
C ARG B 173 -31.21 13.64 -8.67
N ILE B 174 -30.19 13.36 -9.47
CA ILE B 174 -28.79 13.13 -9.04
C ILE B 174 -28.01 14.44 -9.25
N VAL B 175 -28.03 14.97 -10.46
CA VAL B 175 -27.36 16.26 -10.84
C VAL B 175 -28.32 17.40 -10.49
N ARG B 176 -27.98 18.19 -9.47
CA ARG B 176 -28.90 19.17 -8.85
C ARG B 176 -28.71 20.53 -9.51
N ASP B 177 -29.60 21.48 -9.19
CA ASP B 177 -29.74 22.77 -9.90
C ASP B 177 -28.56 23.70 -9.54
N ASP B 178 -27.92 23.49 -8.39
CA ASP B 178 -26.71 24.23 -7.94
C ASP B 178 -25.43 23.58 -8.51
N MET B 179 -25.56 22.65 -9.46
CA MET B 179 -24.42 21.94 -10.08
C MET B 179 -24.39 22.17 -11.59
N LEU B 180 -23.21 21.99 -12.17
CA LEU B 180 -22.91 22.19 -13.60
C LEU B 180 -22.12 20.96 -14.04
N CYS B 181 -22.32 20.54 -15.28
CA CYS B 181 -21.77 19.27 -15.83
CA CYS B 181 -21.76 19.28 -15.83
C CYS B 181 -20.88 19.57 -17.05
N ALA B 182 -19.71 18.93 -17.10
CA ALA B 182 -18.71 19.10 -18.17
C ALA B 182 -17.80 17.89 -18.27
N GLY B 183 -17.35 17.59 -19.49
CA GLY B 183 -16.34 16.57 -19.78
C GLY B 183 -16.93 15.38 -20.51
N ASN B 184 -16.07 14.45 -20.92
CA ASN B 184 -16.41 13.22 -21.67
C ASN B 184 -15.37 12.15 -21.31
N THR B 185 -15.26 11.07 -22.09
CA THR B 185 -14.37 9.92 -21.82
C THR B 185 -12.91 10.25 -22.20
N ARG B 186 -12.65 11.39 -22.83
CA ARG B 186 -11.28 11.85 -23.18
C ARG B 186 -10.85 13.05 -22.33
N ARG B 187 -11.78 13.84 -21.81
CA ARG B 187 -11.50 15.18 -21.20
C ARG B 187 -12.27 15.29 -19.88
N ASP B 188 -11.56 15.41 -18.76
CA ASP B 188 -12.21 15.50 -17.42
C ASP B 188 -11.20 16.03 -16.40
N SER B 189 -11.73 16.50 -15.27
CA SER B 189 -10.98 16.76 -14.02
C SER B 189 -10.92 15.43 -13.26
N CYS B 190 -10.01 15.33 -12.30
CA CYS B 190 -9.79 14.09 -11.52
C CYS B 190 -9.38 14.45 -10.09
N GLN B 191 -9.06 13.42 -9.30
CA GLN B 191 -8.66 13.57 -7.87
C GLN B 191 -7.45 14.50 -7.80
N GLY B 192 -7.50 15.53 -6.94
CA GLY B 192 -6.47 16.57 -6.81
C GLY B 192 -6.83 17.85 -7.57
N ASP B 193 -7.77 17.80 -8.52
CA ASP B 193 -8.28 19.00 -9.24
C ASP B 193 -9.43 19.64 -8.45
N SER B 194 -10.01 18.93 -7.48
CA SER B 194 -11.13 19.39 -6.62
C SER B 194 -10.86 20.80 -6.09
N GLY B 195 -11.90 21.65 -6.12
CA GLY B 195 -11.84 23.04 -5.64
C GLY B 195 -11.31 24.01 -6.69
N GLY B 196 -10.67 23.49 -7.75
CA GLY B 196 -10.09 24.30 -8.82
C GLY B 196 -11.18 24.84 -9.75
N PRO B 197 -10.81 25.79 -10.65
CA PRO B 197 -11.77 26.50 -11.46
C PRO B 197 -12.12 25.81 -12.79
N LEU B 198 -13.40 25.87 -13.15
CA LEU B 198 -13.89 25.70 -14.54
C LEU B 198 -14.18 27.11 -15.06
N VAL B 199 -13.48 27.53 -16.11
CA VAL B 199 -13.51 28.93 -16.64
C VAL B 199 -13.98 28.88 -18.11
N CYS B 200 -14.90 29.78 -18.48
CA CYS B 200 -15.42 29.93 -19.86
C CYS B 200 -15.16 31.38 -20.30
N LYS B 201 -14.66 31.55 -21.53
CA LYS B 201 -14.38 32.88 -22.13
C LYS B 201 -15.67 33.40 -22.77
N VAL B 202 -16.22 34.48 -22.23
CA VAL B 202 -17.54 35.06 -22.62
C VAL B 202 -17.32 36.55 -22.95
N ASN B 203 -17.48 36.93 -24.23
CA ASN B 203 -17.29 38.31 -24.73
C ASN B 203 -15.88 38.80 -24.36
N GLY B 204 -14.87 37.97 -24.62
CA GLY B 204 -13.43 38.28 -24.41
C GLY B 204 -12.99 38.24 -22.96
N THR B 205 -13.88 37.91 -22.01
CA THR B 205 -13.56 37.86 -20.55
C THR B 205 -13.69 36.42 -20.04
N TRP B 206 -12.67 35.95 -19.31
CA TRP B 206 -12.70 34.65 -18.58
C TRP B 206 -13.62 34.79 -17.37
N LEU B 207 -14.65 33.94 -17.29
CA LEU B 207 -15.58 33.86 -16.13
C LEU B 207 -15.46 32.47 -15.49
N GLN B 208 -15.42 32.40 -14.16
CA GLN B 208 -15.46 31.11 -13.45
C GLN B 208 -16.91 30.60 -13.38
N ALA B 209 -17.25 29.63 -14.22
CA ALA B 209 -18.56 28.94 -14.25
C ALA B 209 -18.69 27.95 -13.08
N GLY B 210 -17.60 27.28 -12.71
CA GLY B 210 -17.63 26.06 -11.88
C GLY B 210 -16.48 25.94 -10.89
N VAL B 211 -16.73 25.22 -9.81
CA VAL B 211 -15.71 24.67 -8.87
C VAL B 211 -15.74 23.15 -9.04
N VAL B 212 -14.58 22.52 -9.30
CA VAL B 212 -14.46 21.05 -9.44
C VAL B 212 -15.01 20.43 -8.14
N SER B 213 -16.04 19.58 -8.26
CA SER B 213 -16.81 19.07 -7.09
C SER B 213 -16.70 17.54 -6.99
N TRP B 214 -17.32 16.80 -7.90
CA TRP B 214 -17.44 15.32 -7.77
C TRP B 214 -17.73 14.66 -9.12
N GLY B 215 -17.69 13.34 -9.13
CA GLY B 215 -18.08 12.49 -10.26
C GLY B 215 -17.87 11.04 -9.92
N GLU B 216 -18.36 10.12 -10.74
CA GLU B 216 -18.04 8.67 -10.60
C GLU B 216 -16.76 8.43 -11.38
N GLY B 217 -15.64 8.34 -10.66
CA GLY B 217 -14.29 8.24 -11.27
C GLY B 217 -14.00 9.44 -12.14
N CYS B 218 -13.14 9.25 -13.14
CA CYS B 218 -12.66 10.31 -14.07
C CYS B 218 -12.82 9.77 -15.50
N ALA B 219 -13.48 10.55 -16.37
CA ALA B 219 -13.64 10.30 -17.82
C ALA B 219 -14.25 8.90 -18.06
N GLN B 220 -15.23 8.51 -17.24
CA GLN B 220 -15.95 7.22 -17.35
C GLN B 220 -17.19 7.41 -18.23
N PRO B 221 -17.60 6.40 -19.02
CA PRO B 221 -18.82 6.50 -19.84
C PRO B 221 -20.07 6.88 -19.03
N ASN B 222 -20.83 7.87 -19.52
CA ASN B 222 -22.11 8.34 -18.95
C ASN B 222 -21.93 8.93 -17.54
N ARG B 223 -20.71 9.37 -17.20
CA ARG B 223 -20.36 9.92 -15.86
C ARG B 223 -19.48 11.16 -16.03
N PRO B 224 -20.01 12.25 -16.64
CA PRO B 224 -19.24 13.49 -16.75
C PRO B 224 -18.98 14.14 -15.40
N GLY B 225 -17.95 14.98 -15.34
CA GLY B 225 -17.55 15.74 -14.15
C GLY B 225 -18.68 16.64 -13.68
N ILE B 226 -18.90 16.71 -12.38
CA ILE B 226 -19.88 17.62 -11.73
C ILE B 226 -19.09 18.74 -11.04
N TYR B 227 -19.57 19.96 -11.21
CA TYR B 227 -18.97 21.21 -10.71
C TYR B 227 -20.04 21.95 -9.91
N THR B 228 -19.66 22.65 -8.85
CA THR B 228 -20.54 23.62 -8.16
C THR B 228 -20.79 24.77 -9.13
N ARG B 229 -22.06 25.14 -9.36
CA ARG B 229 -22.47 26.26 -10.23
C ARG B 229 -22.26 27.57 -9.46
N VAL B 230 -21.28 28.38 -9.86
CA VAL B 230 -20.87 29.60 -9.09
C VAL B 230 -22.03 30.60 -9.04
N THR B 231 -22.80 30.77 -10.13
CA THR B 231 -23.91 31.77 -10.20
C THR B 231 -24.91 31.52 -9.06
N TYR B 232 -25.11 30.26 -8.67
CA TYR B 232 -26.06 29.86 -7.60
C TYR B 232 -25.66 30.44 -6.25
N TYR B 233 -24.37 30.66 -6.00
CA TYR B 233 -23.79 31.03 -4.68
C TYR B 233 -23.17 32.45 -4.67
N LEU B 234 -23.44 33.29 -5.68
CA LEU B 234 -22.89 34.66 -5.77
C LEU B 234 -23.25 35.49 -4.54
N ASP B 235 -24.52 35.46 -4.09
CA ASP B 235 -24.99 36.23 -2.91
C ASP B 235 -24.22 35.81 -1.66
N TRP B 236 -23.98 34.51 -1.47
CA TRP B 236 -23.20 33.98 -0.34
C TRP B 236 -21.75 34.44 -0.43
N ILE B 237 -21.14 34.36 -1.62
CA ILE B 237 -19.74 34.83 -1.85
C ILE B 237 -19.66 36.33 -1.50
N HIS B 238 -20.60 37.14 -2.01
CA HIS B 238 -20.64 38.63 -1.84
C HIS B 238 -20.95 39.01 -0.39
N HIS B 239 -21.44 38.09 0.45
CA HIS B 239 -21.57 38.31 1.91
C HIS B 239 -20.19 38.50 2.55
N TYR B 240 -19.14 37.86 2.01
CA TYR B 240 -17.78 37.79 2.62
C TYR B 240 -16.76 38.57 1.80
N VAL B 241 -16.81 38.44 0.47
CA VAL B 241 -15.74 38.95 -0.44
C VAL B 241 -16.16 40.34 -0.94
N PRO B 242 -15.37 41.40 -0.65
CA PRO B 242 -15.70 42.74 -1.12
C PRO B 242 -15.73 42.84 -2.66
N LYS B 243 -16.63 43.68 -3.20
CA LYS B 243 -16.60 44.11 -4.62
C LYS B 243 -15.32 44.92 -4.88
N LYS B 244 -14.87 44.94 -6.15
CA LYS B 244 -13.60 45.58 -6.59
C LYS B 244 -13.69 47.11 -6.40
N ILE C 1 -16.89 -4.64 13.69
CA ILE C 1 -17.50 -4.26 15.01
C ILE C 1 -16.37 -3.73 15.91
N VAL C 2 -16.56 -2.54 16.47
CA VAL C 2 -15.59 -1.89 17.42
C VAL C 2 -16.06 -2.15 18.85
N GLY C 3 -15.15 -2.60 19.72
CA GLY C 3 -15.39 -2.82 21.16
C GLY C 3 -16.33 -3.99 21.43
N GLY C 4 -16.46 -4.91 20.48
CA GLY C 4 -17.36 -6.07 20.59
C GLY C 4 -16.64 -7.27 21.18
N GLN C 5 -17.35 -8.39 21.22
CA GLN C 5 -16.80 -9.74 21.55
C GLN C 5 -17.28 -10.70 20.47
N GLU C 6 -16.64 -11.87 20.39
CA GLU C 6 -17.08 -12.99 19.52
C GLU C 6 -18.50 -13.39 19.97
N ALA C 7 -19.42 -13.53 19.01
CA ALA C 7 -20.80 -13.99 19.26
C ALA C 7 -20.78 -15.45 19.71
N PRO C 8 -21.60 -15.86 20.70
CA PRO C 8 -21.87 -17.29 20.92
C PRO C 8 -22.50 -17.91 19.66
N ARG C 9 -22.22 -19.19 19.42
CA ARG C 9 -22.71 -19.97 18.25
C ARG C 9 -24.24 -19.94 18.15
N SER C 10 -24.96 -19.86 19.28
CA SER C 10 -26.45 -19.91 19.34
C SER C 10 -27.08 -18.55 18.96
N LYS C 11 -26.31 -17.45 18.93
CA LYS C 11 -26.85 -16.08 18.78
C LYS C 11 -26.81 -15.63 17.31
N TRP C 12 -27.79 -14.81 16.92
CA TRP C 12 -27.88 -14.09 15.61
C TRP C 12 -27.99 -15.09 14.46
N PRO C 13 -29.00 -15.99 14.46
CA PRO C 13 -29.16 -16.98 13.40
C PRO C 13 -29.57 -16.41 12.02
N TRP C 14 -29.88 -15.11 11.96
CA TRP C 14 -30.32 -14.36 10.75
C TRP C 14 -29.15 -13.64 10.08
N GLN C 15 -27.99 -13.51 10.73
CA GLN C 15 -26.79 -12.80 10.18
C GLN C 15 -26.35 -13.51 8.90
N VAL C 16 -26.14 -12.77 7.81
CA VAL C 16 -25.56 -13.32 6.55
C VAL C 16 -24.35 -12.47 6.15
N SER C 17 -23.46 -13.07 5.36
CA SER C 17 -22.28 -12.44 4.73
C SER C 17 -22.54 -12.33 3.22
N LEU C 18 -22.33 -11.16 2.62
CA LEU C 18 -22.40 -10.96 1.16
C LEU C 18 -20.99 -11.13 0.60
N ARG C 19 -20.86 -11.90 -0.48
CA ARG C 19 -19.55 -12.28 -1.08
C ARG C 19 -19.49 -11.80 -2.52
N VAL C 20 -18.35 -11.23 -2.91
CA VAL C 20 -18.06 -10.71 -4.28
C VAL C 20 -17.00 -11.63 -4.90
N HIS C 21 -17.16 -11.95 -6.19
CA HIS C 21 -16.24 -12.83 -6.95
C HIS C 21 -14.89 -12.12 -7.13
N GLY C 22 -13.80 -12.81 -6.80
CA GLY C 22 -12.42 -12.34 -7.07
C GLY C 22 -11.44 -13.51 -7.01
N PRO C 23 -10.20 -13.29 -6.54
CA PRO C 23 -9.29 -14.41 -6.20
C PRO C 23 -9.97 -15.44 -5.28
N TYR C 24 -10.83 -14.96 -4.38
CA TYR C 24 -11.78 -15.79 -3.57
C TYR C 24 -13.10 -15.02 -3.40
N TRP C 25 -14.12 -15.70 -2.85
CA TRP C 25 -15.45 -15.12 -2.57
C TRP C 25 -15.36 -14.29 -1.29
N MET C 26 -15.00 -13.02 -1.44
CA MET C 26 -14.61 -12.13 -0.32
C MET C 26 -15.85 -11.47 0.28
N HIS C 27 -15.94 -11.47 1.61
CA HIS C 27 -16.90 -10.67 2.41
C HIS C 27 -16.69 -9.19 2.13
N PHE C 28 -17.75 -8.46 1.76
CA PHE C 28 -17.76 -6.98 1.61
C PHE C 28 -18.85 -6.33 2.47
N CYS C 29 -19.95 -7.03 2.78
CA CYS C 29 -21.12 -6.45 3.53
C CYS C 29 -21.88 -7.55 4.28
N GLY C 30 -22.64 -7.13 5.28
CA GLY C 30 -23.57 -7.98 6.03
C GLY C 30 -24.98 -7.88 5.47
N GLY C 31 -25.88 -8.62 6.08
CA GLY C 31 -27.30 -8.71 5.74
C GLY C 31 -28.06 -9.42 6.85
N SER C 32 -29.38 -9.48 6.76
CA SER C 32 -30.24 -10.26 7.66
C SER C 32 -31.23 -11.08 6.84
N LEU C 33 -31.46 -12.33 7.24
CA LEU C 33 -32.53 -13.17 6.67
C LEU C 33 -33.85 -12.75 7.31
N ILE C 34 -34.75 -12.13 6.54
CA ILE C 34 -36.07 -11.62 7.03
C ILE C 34 -37.21 -12.56 6.54
N HIS C 35 -36.87 -13.53 5.70
CA HIS C 35 -37.81 -14.50 5.08
C HIS C 35 -36.92 -15.61 4.53
N PRO C 36 -37.37 -16.88 4.46
CA PRO C 36 -36.58 -17.96 3.87
C PRO C 36 -35.89 -17.66 2.53
N GLN C 37 -36.43 -16.75 1.71
CA GLN C 37 -35.90 -16.45 0.35
C GLN C 37 -35.47 -14.98 0.22
N TRP C 38 -35.40 -14.22 1.31
CA TRP C 38 -35.08 -12.76 1.22
C TRP C 38 -34.05 -12.35 2.29
N VAL C 39 -33.03 -11.64 1.83
CA VAL C 39 -32.01 -10.95 2.67
C VAL C 39 -32.25 -9.44 2.59
N LEU C 40 -32.30 -8.79 3.75
CA LEU C 40 -32.31 -7.30 3.88
C LEU C 40 -30.86 -6.83 4.04
N THR C 41 -30.45 -5.82 3.26
CA THR C 41 -29.09 -5.23 3.30
C THR C 41 -29.17 -3.72 3.04
N ALA C 42 -28.02 -3.06 2.96
CA ALA C 42 -27.88 -1.63 2.62
C ALA C 42 -27.74 -1.54 1.10
N ALA C 43 -28.44 -0.58 0.48
CA ALA C 43 -28.33 -0.24 -0.95
C ALA C 43 -26.89 0.07 -1.36
N HIS C 44 -26.11 0.76 -0.52
CA HIS C 44 -24.71 1.20 -0.86
C HIS C 44 -23.79 -0.03 -1.03
N CYS C 45 -24.16 -1.18 -0.48
CA CYS C 45 -23.41 -2.46 -0.64
C CYS C 45 -23.52 -2.97 -2.08
N VAL C 46 -24.64 -2.72 -2.76
CA VAL C 46 -24.96 -3.32 -4.09
C VAL C 46 -25.35 -2.24 -5.12
N GLY C 47 -25.22 -0.95 -4.79
CA GLY C 47 -25.60 0.16 -5.68
C GLY C 47 -24.86 1.45 -5.33
N PRO C 48 -25.19 2.62 -5.96
CA PRO C 48 -26.33 2.73 -6.86
C PRO C 48 -26.16 2.16 -8.27
N ASP C 49 -24.92 1.85 -8.68
CA ASP C 49 -24.63 1.29 -10.03
C ASP C 49 -25.00 -0.19 -10.07
N VAL C 50 -25.58 -0.62 -11.19
CA VAL C 50 -26.09 -2.01 -11.40
C VAL C 50 -24.91 -2.97 -11.42
N LYS C 51 -24.99 -4.07 -10.64
CA LYS C 51 -23.93 -5.10 -10.47
C LYS C 51 -24.37 -6.39 -11.20
N ASP C 52 -23.41 -7.20 -11.62
CA ASP C 52 -23.61 -8.55 -12.21
C ASP C 52 -24.02 -9.50 -11.08
N LEU C 53 -25.20 -10.14 -11.19
CA LEU C 53 -25.72 -11.11 -10.18
C LEU C 53 -24.78 -12.32 -10.05
N ALA C 54 -24.14 -12.73 -11.14
CA ALA C 54 -23.23 -13.90 -11.19
C ALA C 54 -22.02 -13.70 -10.26
N ALA C 55 -21.63 -12.45 -9.98
CA ALA C 55 -20.47 -12.10 -9.15
C ALA C 55 -20.87 -11.89 -7.68
N LEU C 56 -22.13 -12.19 -7.31
CA LEU C 56 -22.65 -12.01 -5.92
C LEU C 56 -23.10 -13.37 -5.38
N ARG C 57 -22.74 -13.67 -4.13
CA ARG C 57 -23.26 -14.84 -3.38
C ARG C 57 -23.62 -14.42 -1.95
N VAL C 58 -24.53 -15.16 -1.33
CA VAL C 58 -24.90 -15.04 0.10
C VAL C 58 -24.35 -16.27 0.85
N GLN C 59 -23.77 -16.01 2.02
CA GLN C 59 -23.35 -17.04 3.00
C GLN C 59 -24.19 -16.84 4.25
N LEU C 60 -24.94 -17.86 4.69
CA LEU C 60 -25.75 -17.84 5.92
C LEU C 60 -24.82 -17.90 7.13
N ARG C 61 -25.38 -17.74 8.33
CA ARG C 61 -24.57 -17.56 9.56
C ARG C 61 -23.49 -18.63 9.64
N GLU C 62 -22.24 -18.21 9.75
CA GLU C 62 -21.09 -19.09 10.12
C GLU C 62 -20.30 -18.37 11.22
N GLN C 63 -19.75 -19.13 12.15
CA GLN C 63 -19.04 -18.60 13.35
C GLN C 63 -17.73 -17.93 12.89
N HIS C 64 -17.06 -18.51 11.88
CA HIS C 64 -15.77 -18.05 11.32
C HIS C 64 -15.92 -17.93 9.80
N LEU C 65 -15.76 -16.72 9.24
CA LEU C 65 -15.85 -16.49 7.77
C LEU C 65 -14.90 -17.45 7.04
N TYR C 66 -15.38 -18.03 5.93
CA TYR C 66 -14.60 -18.71 4.86
C TYR C 66 -14.34 -20.19 5.18
N TYR C 67 -14.46 -20.64 6.43
CA TYR C 67 -14.02 -22.01 6.84
CA TYR C 67 -14.04 -22.01 6.86
C TYR C 67 -15.04 -23.06 6.40
N GLN C 68 -16.35 -22.78 6.53
CA GLN C 68 -17.40 -23.77 6.17
C GLN C 68 -18.39 -23.13 5.19
N ASP C 69 -17.88 -22.62 4.06
CA ASP C 69 -18.70 -21.83 3.10
C ASP C 69 -19.67 -22.77 2.36
N GLN C 70 -20.94 -22.37 2.30
CA GLN C 70 -21.98 -22.93 1.40
C GLN C 70 -22.66 -21.75 0.69
N LEU C 71 -22.06 -21.31 -0.41
CA LEU C 71 -22.43 -20.03 -1.07
C LEU C 71 -23.75 -20.21 -1.85
N LEU C 72 -24.69 -19.30 -1.64
CA LEU C 72 -26.05 -19.32 -2.24
C LEU C 72 -26.14 -18.27 -3.33
N PRO C 73 -26.61 -18.63 -4.55
CA PRO C 73 -26.79 -17.64 -5.61
C PRO C 73 -28.02 -16.76 -5.33
N VAL C 74 -27.99 -15.54 -5.87
CA VAL C 74 -29.06 -14.50 -5.76
C VAL C 74 -29.77 -14.43 -7.11
N SER C 75 -31.10 -14.46 -7.12
CA SER C 75 -31.94 -14.35 -8.34
C SER C 75 -32.20 -12.87 -8.67
N ARG C 76 -32.34 -11.99 -7.67
CA ARG C 76 -32.70 -10.56 -7.89
C ARG C 76 -32.08 -9.67 -6.80
N ILE C 77 -31.50 -8.55 -7.22
CA ILE C 77 -31.16 -7.38 -6.35
C ILE C 77 -32.24 -6.31 -6.55
N ILE C 78 -32.96 -5.94 -5.48
CA ILE C 78 -33.93 -4.80 -5.48
C ILE C 78 -33.35 -3.70 -4.58
N VAL C 79 -32.87 -2.61 -5.18
CA VAL C 79 -32.36 -1.40 -4.46
C VAL C 79 -33.49 -0.39 -4.45
N HIS C 80 -33.71 0.26 -3.31
CA HIS C 80 -34.74 1.33 -3.18
C HIS C 80 -34.50 2.35 -4.29
N PRO C 81 -35.50 2.68 -5.14
CA PRO C 81 -35.29 3.58 -6.27
C PRO C 81 -34.93 5.03 -5.86
N GLN C 82 -35.15 5.41 -4.60
CA GLN C 82 -34.82 6.75 -4.07
C GLN C 82 -33.34 6.81 -3.65
N PHE C 83 -32.61 5.68 -3.63
CA PHE C 83 -31.20 5.64 -3.16
C PHE C 83 -30.22 6.20 -4.21
N TYR C 84 -29.33 7.08 -3.77
CA TYR C 84 -28.09 7.43 -4.52
C TYR C 84 -26.87 7.38 -3.58
N THR C 85 -26.93 7.99 -2.40
CA THR C 85 -25.86 7.89 -1.36
C THR C 85 -26.50 7.64 0.00
N ALA C 86 -25.74 7.05 0.93
CA ALA C 86 -26.18 6.74 2.31
C ALA C 86 -26.56 8.02 3.06
N GLN C 87 -25.86 9.12 2.81
CA GLN C 87 -26.04 10.42 3.54
C GLN C 87 -27.36 11.07 3.09
N ILE C 88 -27.78 10.86 1.84
CA ILE C 88 -29.10 11.34 1.32
C ILE C 88 -30.20 10.44 1.90
N GLY C 89 -30.00 9.13 1.91
CA GLY C 89 -30.88 8.15 2.58
C GLY C 89 -31.45 7.14 1.61
N ALA C 90 -32.51 6.45 2.04
CA ALA C 90 -33.13 5.26 1.39
C ALA C 90 -32.07 4.16 1.20
N ASP C 91 -31.18 4.00 2.19
CA ASP C 91 -30.04 3.06 2.12
C ASP C 91 -30.56 1.67 2.55
N ILE C 92 -31.28 1.03 1.63
CA ILE C 92 -31.97 -0.26 1.89
C ILE C 92 -32.10 -1.00 0.57
N ALA C 93 -31.81 -2.30 0.59
CA ALA C 93 -31.92 -3.20 -0.56
C ALA C 93 -32.40 -4.58 -0.09
N LEU C 94 -32.95 -5.34 -1.04
CA LEU C 94 -33.42 -6.73 -0.86
C LEU C 94 -32.66 -7.63 -1.82
N LEU C 95 -32.16 -8.77 -1.33
CA LEU C 95 -31.65 -9.86 -2.19
C LEU C 95 -32.68 -11.01 -2.17
N GLU C 96 -33.19 -11.38 -3.34
CA GLU C 96 -34.03 -12.60 -3.50
C GLU C 96 -33.11 -13.78 -3.79
N LEU C 97 -33.10 -14.80 -2.94
CA LEU C 97 -32.29 -16.03 -3.16
C LEU C 97 -32.97 -16.87 -4.24
N GLU C 98 -32.22 -17.70 -4.96
CA GLU C 98 -32.77 -18.63 -6.00
C GLU C 98 -33.64 -19.70 -5.34
N GLU C 99 -33.34 -20.06 -4.09
CA GLU C 99 -34.11 -21.07 -3.31
C GLU C 99 -34.43 -20.50 -1.93
N PRO C 100 -35.56 -20.92 -1.32
CA PRO C 100 -35.79 -20.65 0.10
C PRO C 100 -34.83 -21.51 0.91
N VAL C 101 -34.35 -21.01 2.04
CA VAL C 101 -33.45 -21.78 2.95
C VAL C 101 -34.34 -22.68 3.81
N LYS C 102 -33.84 -23.87 4.15
CA LYS C 102 -34.45 -24.78 5.16
C LYS C 102 -34.02 -24.26 6.54
N VAL C 103 -34.95 -23.72 7.33
CA VAL C 103 -34.64 -22.98 8.60
C VAL C 103 -34.43 -24.00 9.73
N SER C 104 -33.67 -23.59 10.75
CA SER C 104 -33.32 -24.39 11.95
C SER C 104 -33.13 -23.45 13.14
N SER C 105 -32.80 -23.97 14.31
CA SER C 105 -32.46 -23.17 15.52
C SER C 105 -31.20 -22.33 15.25
N HIS C 106 -30.27 -22.85 14.44
CA HIS C 106 -28.96 -22.23 14.12
C HIS C 106 -29.06 -21.22 12.96
N VAL C 107 -30.00 -21.40 12.04
CA VAL C 107 -30.24 -20.51 10.86
C VAL C 107 -31.74 -20.26 10.72
N HIS C 108 -32.20 -19.04 11.02
CA HIS C 108 -33.63 -18.66 10.84
C HIS C 108 -33.78 -17.12 10.79
N THR C 109 -34.99 -16.66 10.45
CA THR C 109 -35.29 -15.26 10.09
C THR C 109 -35.32 -14.38 11.34
N VAL C 110 -35.02 -13.09 11.19
CA VAL C 110 -35.30 -12.04 12.19
C VAL C 110 -36.73 -11.51 11.94
N THR C 111 -37.41 -11.08 13.00
CA THR C 111 -38.76 -10.45 12.92
C THR C 111 -38.59 -8.95 12.64
N LEU C 112 -39.35 -8.42 11.68
CA LEU C 112 -39.41 -6.96 11.43
C LEU C 112 -40.39 -6.33 12.43
N PRO C 113 -40.12 -5.09 12.89
CA PRO C 113 -41.03 -4.41 13.83
C PRO C 113 -42.31 -3.99 13.13
N PRO C 114 -43.42 -3.78 13.87
CA PRO C 114 -44.61 -3.14 13.29
C PRO C 114 -44.31 -1.66 13.00
N ALA C 115 -45.07 -1.04 12.10
CA ALA C 115 -44.97 0.38 11.70
C ALA C 115 -45.05 1.30 12.93
N SER C 116 -45.85 0.94 13.93
CA SER C 116 -46.10 1.76 15.16
C SER C 116 -44.89 1.76 16.11
N GLU C 117 -43.97 0.80 15.98
CA GLU C 117 -42.83 0.56 16.92
C GLU C 117 -41.87 1.77 16.93
N THR C 118 -41.69 2.37 18.10
CA THR C 118 -40.73 3.49 18.34
C THR C 118 -39.78 3.00 19.43
N PHE C 119 -38.62 2.51 19.01
CA PHE C 119 -37.50 2.03 19.88
C PHE C 119 -36.99 3.23 20.66
N PRO C 120 -37.28 3.35 21.99
CA PRO C 120 -37.00 4.58 22.71
C PRO C 120 -35.50 4.78 22.91
N PRO C 121 -35.02 6.04 23.00
CA PRO C 121 -33.64 6.32 23.38
C PRO C 121 -33.18 5.60 24.65
N GLY C 122 -31.96 5.08 24.62
CA GLY C 122 -31.32 4.36 25.75
C GLY C 122 -31.60 2.86 25.73
N MET C 123 -32.50 2.37 24.88
CA MET C 123 -32.83 0.92 24.76
C MET C 123 -31.57 0.18 24.34
N PRO C 124 -31.19 -0.92 25.06
CA PRO C 124 -30.05 -1.74 24.65
C PRO C 124 -30.39 -2.56 23.39
N CYS C 125 -29.66 -2.31 22.30
CA CYS C 125 -29.76 -3.05 21.01
C CYS C 125 -28.39 -3.66 20.72
N TRP C 126 -28.33 -4.62 19.79
CA TRP C 126 -27.10 -5.31 19.38
C TRP C 126 -26.87 -5.13 17.88
N VAL C 127 -25.62 -4.85 17.51
CA VAL C 127 -25.17 -4.87 16.09
C VAL C 127 -24.11 -5.97 15.97
N THR C 128 -24.14 -6.70 14.86
CA THR C 128 -23.32 -7.90 14.60
C THR C 128 -22.67 -7.78 13.23
N GLY C 129 -21.49 -8.38 13.06
CA GLY C 129 -20.89 -8.54 11.71
C GLY C 129 -19.43 -8.92 11.75
N TRP C 130 -18.82 -9.01 10.57
CA TRP C 130 -17.40 -9.40 10.35
C TRP C 130 -16.58 -8.20 9.91
N GLY C 131 -17.04 -6.98 10.23
CA GLY C 131 -16.36 -5.74 9.81
C GLY C 131 -15.14 -5.44 10.67
N ASP C 132 -14.50 -4.31 10.36
CA ASP C 132 -13.24 -3.85 10.98
C ASP C 132 -13.44 -3.71 12.50
N VAL C 133 -12.40 -4.00 13.28
CA VAL C 133 -12.42 -3.93 14.77
C VAL C 133 -12.01 -2.53 15.23
N ASP C 134 -11.52 -1.69 14.30
CA ASP C 134 -11.26 -0.23 14.53
C ASP C 134 -11.05 0.45 13.18
N ASN C 135 -10.81 1.76 13.16
CA ASN C 135 -10.51 2.53 11.92
C ASN C 135 -9.27 1.91 11.25
N ASP C 136 -9.42 1.46 9.99
CA ASP C 136 -8.35 0.87 9.15
C ASP C 136 -7.72 -0.35 9.85
N GLU C 137 -8.48 -1.09 10.65
CA GLU C 137 -8.03 -2.32 11.36
C GLU C 137 -8.99 -3.45 11.03
N ARG C 138 -8.62 -4.32 10.08
CA ARG C 138 -9.44 -5.47 9.62
C ARG C 138 -9.64 -6.46 10.78
N LEU C 139 -10.77 -7.17 10.76
CA LEU C 139 -11.02 -8.35 11.63
C LEU C 139 -9.92 -9.38 11.34
N PRO C 140 -9.10 -9.78 12.34
CA PRO C 140 -8.08 -10.81 12.12
C PRO C 140 -8.67 -12.20 11.84
N PRO C 141 -7.96 -13.07 11.10
CA PRO C 141 -8.33 -14.48 11.03
C PRO C 141 -8.32 -15.09 12.43
N PRO C 142 -9.18 -16.07 12.77
CA PRO C 142 -10.07 -16.74 11.82
C PRO C 142 -11.45 -16.08 11.60
N PHE C 143 -11.56 -14.77 11.78
CA PHE C 143 -12.72 -13.94 11.34
C PHE C 143 -13.98 -14.35 12.09
N PRO C 144 -14.00 -14.25 13.44
CA PRO C 144 -15.18 -14.63 14.20
C PRO C 144 -16.30 -13.58 14.03
N LEU C 145 -17.56 -14.02 13.97
CA LEU C 145 -18.72 -13.10 14.02
C LEU C 145 -18.66 -12.36 15.35
N LYS C 146 -18.67 -11.03 15.31
CA LYS C 146 -18.60 -10.17 16.53
C LYS C 146 -19.96 -9.52 16.77
N GLN C 147 -20.21 -9.17 18.02
CA GLN C 147 -21.45 -8.55 18.54
C GLN C 147 -21.03 -7.39 19.44
N VAL C 148 -21.85 -6.34 19.51
CA VAL C 148 -21.65 -5.26 20.51
C VAL C 148 -23.03 -4.68 20.88
N LYS C 149 -23.24 -4.45 22.17
CA LYS C 149 -24.42 -3.77 22.73
C LYS C 149 -24.23 -2.26 22.51
N VAL C 150 -25.17 -1.59 21.84
CA VAL C 150 -25.11 -0.14 21.54
C VAL C 150 -26.43 0.49 21.97
N PRO C 151 -26.42 1.62 22.71
CA PRO C 151 -27.66 2.31 23.09
C PRO C 151 -28.21 3.07 21.88
N ILE C 152 -29.50 2.90 21.58
CA ILE C 152 -30.24 3.78 20.62
C ILE C 152 -30.26 5.20 21.21
N MET C 153 -30.06 6.18 20.35
CA MET C 153 -30.07 7.62 20.69
C MET C 153 -31.08 8.32 19.78
N GLU C 154 -31.75 9.34 20.30
CA GLU C 154 -32.76 10.16 19.57
C GLU C 154 -32.10 10.76 18.33
N ASN C 155 -32.82 10.80 17.20
CA ASN C 155 -32.35 11.38 15.92
C ASN C 155 -31.90 12.83 16.11
N HIS C 156 -32.65 13.61 16.89
CA HIS C 156 -32.37 15.05 17.12
C HIS C 156 -31.03 15.20 17.87
N ILE C 157 -30.74 14.33 18.85
CA ILE C 157 -29.47 14.34 19.63
C ILE C 157 -28.29 13.95 18.71
N CYS C 158 -28.49 12.95 17.88
CA CYS C 158 -27.46 12.42 16.94
CA CYS C 158 -27.45 12.44 16.95
C CYS C 158 -27.17 13.46 15.85
N ASP C 159 -28.21 14.12 15.33
CA ASP C 159 -28.08 15.24 14.36
C ASP C 159 -27.23 16.35 14.99
N ALA C 160 -27.52 16.73 16.24
CA ALA C 160 -26.79 17.77 17.01
C ALA C 160 -25.32 17.37 17.17
N LYS C 161 -25.01 16.09 17.47
CA LYS C 161 -23.61 15.60 17.63
C LYS C 161 -22.84 15.76 16.33
N TYR C 162 -23.45 15.43 15.18
CA TYR C 162 -22.79 15.51 13.85
C TYR C 162 -22.48 16.97 13.47
N HIS C 163 -23.16 17.94 14.08
CA HIS C 163 -22.93 19.40 13.89
C HIS C 163 -21.79 19.92 14.78
N LEU C 164 -21.46 19.25 15.88
CA LEU C 164 -20.32 19.65 16.76
C LEU C 164 -19.01 19.41 16.00
N GLY C 165 -18.16 20.43 15.91
CA GLY C 165 -16.87 20.39 15.18
C GLY C 165 -17.08 20.36 13.68
N ALA C 166 -18.22 20.86 13.18
CA ALA C 166 -18.59 20.89 11.75
C ALA C 166 -19.02 22.31 11.35
N TYR C 167 -18.83 22.65 10.08
CA TYR C 167 -19.22 23.95 9.48
C TYR C 167 -20.72 23.95 9.15
N THR C 168 -21.34 22.77 8.98
CA THR C 168 -22.76 22.61 8.58
C THR C 168 -23.64 23.40 9.56
N GLY C 169 -24.56 24.22 9.03
CA GLY C 169 -25.51 25.02 9.82
C GLY C 169 -26.38 24.11 10.68
N ASP C 170 -26.63 24.50 11.93
CA ASP C 170 -27.37 23.70 12.94
C ASP C 170 -28.78 23.33 12.44
N ASP C 171 -29.40 24.17 11.61
CA ASP C 171 -30.77 23.99 11.03
C ASP C 171 -30.74 23.12 9.77
N VAL C 172 -29.57 22.70 9.29
CA VAL C 172 -29.41 21.84 8.08
C VAL C 172 -29.26 20.41 8.58
N ARG C 173 -30.25 19.55 8.29
CA ARG C 173 -30.32 18.14 8.76
C ARG C 173 -29.15 17.34 8.16
N ILE C 174 -28.41 16.63 9.00
CA ILE C 174 -27.39 15.61 8.59
C ILE C 174 -28.04 14.22 8.76
N VAL C 175 -28.53 13.93 9.97
CA VAL C 175 -29.26 12.67 10.30
C VAL C 175 -30.74 12.91 9.98
N ARG C 176 -31.26 12.18 9.00
CA ARG C 176 -32.62 12.41 8.44
C ARG C 176 -33.63 11.46 9.11
N ASP C 177 -34.92 11.63 8.84
CA ASP C 177 -36.04 10.94 9.55
C ASP C 177 -36.09 9.45 9.18
N ASP C 178 -35.56 9.05 8.02
CA ASP C 178 -35.47 7.62 7.60
C ASP C 178 -34.21 6.95 8.17
N MET C 179 -33.48 7.63 9.06
CA MET C 179 -32.24 7.10 9.69
C MET C 179 -32.45 6.94 11.19
N LEU C 180 -31.63 6.08 11.78
CA LEU C 180 -31.62 5.71 13.22
C LEU C 180 -30.16 5.77 13.67
N CYS C 181 -29.90 6.06 14.93
CA CYS C 181 -28.54 6.36 15.47
CA CYS C 181 -28.52 6.31 15.44
C CYS C 181 -28.25 5.51 16.72
N ALA C 182 -27.04 4.96 16.83
CA ALA C 182 -26.57 4.17 17.99
C ALA C 182 -25.03 4.13 18.02
N GLY C 183 -24.47 4.02 19.23
CA GLY C 183 -23.03 3.77 19.47
C GLY C 183 -22.34 4.95 20.12
N ASN C 184 -21.08 4.75 20.50
CA ASN C 184 -20.27 5.72 21.27
C ASN C 184 -18.80 5.49 20.88
N THR C 185 -17.87 6.09 21.63
CA THR C 185 -16.40 6.05 21.34
C THR C 185 -15.79 4.70 21.73
N ARG C 186 -16.55 3.80 22.38
CA ARG C 186 -16.09 2.42 22.72
C ARG C 186 -16.82 1.38 21.86
N ARG C 187 -18.03 1.67 21.37
CA ARG C 187 -18.98 0.64 20.85
C ARG C 187 -19.61 1.15 19.55
N ASP C 188 -19.34 0.50 18.42
CA ASP C 188 -19.83 0.95 17.09
C ASP C 188 -19.72 -0.18 16.07
N SER C 189 -20.44 -0.03 14.96
CA SER C 189 -20.24 -0.79 13.70
C SER C 189 -19.14 -0.10 12.90
N CYS C 190 -18.59 -0.77 11.90
CA CYS C 190 -17.45 -0.27 11.10
C CYS C 190 -17.51 -0.81 9.67
N GLN C 191 -16.52 -0.47 8.85
CA GLN C 191 -16.39 -0.91 7.43
CA GLN C 191 -16.38 -0.92 7.44
C GLN C 191 -16.45 -2.45 7.40
N GLY C 192 -17.35 -3.01 6.57
CA GLY C 192 -17.60 -4.45 6.46
C GLY C 192 -18.82 -4.91 7.25
N ASP C 193 -19.32 -4.09 8.18
CA ASP C 193 -20.57 -4.37 8.93
C ASP C 193 -21.78 -3.82 8.18
N SER C 194 -21.56 -2.97 7.17
CA SER C 194 -22.61 -2.34 6.32
C SER C 194 -23.62 -3.38 5.85
N GLY C 195 -24.90 -3.04 5.93
CA GLY C 195 -26.02 -3.90 5.51
C GLY C 195 -26.45 -4.86 6.59
N GLY C 196 -25.65 -5.03 7.64
CA GLY C 196 -25.93 -5.93 8.77
C GLY C 196 -27.04 -5.36 9.66
N PRO C 197 -27.62 -6.19 10.55
CA PRO C 197 -28.75 -5.78 11.37
C PRO C 197 -28.36 -5.12 12.71
N LEU C 198 -29.11 -4.08 13.08
CA LEU C 198 -29.28 -3.60 14.47
C LEU C 198 -30.58 -4.19 15.01
N VAL C 199 -30.50 -5.02 16.04
CA VAL C 199 -31.63 -5.81 16.60
C VAL C 199 -31.83 -5.42 18.06
N CYS C 200 -33.09 -5.28 18.49
CA CYS C 200 -33.49 -4.92 19.87
C CYS C 200 -34.52 -5.96 20.35
N LYS C 201 -34.37 -6.45 21.59
CA LYS C 201 -35.29 -7.47 22.17
C LYS C 201 -36.44 -6.72 22.84
N VAL C 202 -37.67 -6.89 22.31
CA VAL C 202 -38.91 -6.20 22.78
C VAL C 202 -39.98 -7.27 23.04
N ASN C 203 -40.41 -7.42 24.29
CA ASN C 203 -41.47 -8.37 24.72
C ASN C 203 -41.08 -9.79 24.29
N GLY C 204 -39.83 -10.18 24.58
CA GLY C 204 -39.27 -11.52 24.32
C GLY C 204 -38.94 -11.78 22.86
N THR C 205 -39.14 -10.80 21.96
CA THR C 205 -38.90 -10.96 20.49
C THR C 205 -37.77 -10.03 20.07
N TRP C 206 -36.78 -10.58 19.37
CA TRP C 206 -35.74 -9.80 18.64
C TRP C 206 -36.39 -9.14 17.42
N LEU C 207 -36.34 -7.81 17.34
CA LEU C 207 -36.86 -6.99 16.22
C LEU C 207 -35.70 -6.26 15.57
N GLN C 208 -35.63 -6.26 14.23
CA GLN C 208 -34.60 -5.49 13.49
C GLN C 208 -35.03 -4.01 13.43
N ALA C 209 -34.39 -3.16 14.24
CA ALA C 209 -34.59 -1.70 14.28
C ALA C 209 -33.90 -1.02 13.10
N GLY C 210 -32.73 -1.52 12.68
CA GLY C 210 -31.81 -0.80 11.77
C GLY C 210 -31.03 -1.67 10.81
N VAL C 211 -30.56 -1.07 9.73
CA VAL C 211 -29.55 -1.62 8.79
C VAL C 211 -28.33 -0.71 8.89
N VAL C 212 -27.13 -1.28 9.13
CA VAL C 212 -25.85 -0.51 9.20
C VAL C 212 -25.70 0.26 7.89
N SER C 213 -25.58 1.59 7.95
CA SER C 213 -25.61 2.49 6.77
C SER C 213 -24.30 3.27 6.64
N TRP C 214 -24.03 4.22 7.53
CA TRP C 214 -22.87 5.13 7.39
C TRP C 214 -22.47 5.74 8.73
N GLY C 215 -21.34 6.44 8.71
CA GLY C 215 -20.85 7.25 9.83
C GLY C 215 -19.53 7.89 9.45
N GLU C 216 -19.06 8.84 10.24
CA GLU C 216 -17.72 9.43 10.06
C GLU C 216 -16.74 8.56 10.85
N GLY C 217 -16.05 7.65 10.16
CA GLY C 217 -15.20 6.62 10.77
C GLY C 217 -16.00 5.74 11.72
N CYS C 218 -15.31 5.14 12.68
CA CYS C 218 -15.87 4.16 13.64
C CYS C 218 -15.47 4.60 15.05
N ALA C 219 -16.47 4.75 15.93
CA ALA C 219 -16.32 5.10 17.36
C ALA C 219 -15.51 6.40 17.53
N GLN C 220 -15.73 7.38 16.64
CA GLN C 220 -15.13 8.75 16.74
C GLN C 220 -16.01 9.61 17.64
N PRO C 221 -15.44 10.54 18.44
CA PRO C 221 -16.22 11.45 19.29
C PRO C 221 -17.31 12.22 18.52
N ASN C 222 -18.55 12.18 19.03
CA ASN C 222 -19.72 12.93 18.50
C ASN C 222 -20.08 12.44 17.08
N ARG C 223 -19.73 11.21 16.74
CA ARG C 223 -20.00 10.61 15.40
C ARG C 223 -20.52 9.19 15.59
N PRO C 224 -21.72 9.03 16.18
CA PRO C 224 -22.31 7.70 16.33
C PRO C 224 -22.66 7.06 14.97
N GLY C 225 -22.76 5.73 14.96
CA GLY C 225 -23.22 4.94 13.81
C GLY C 225 -24.59 5.38 13.35
N ILE C 226 -24.77 5.58 12.04
CA ILE C 226 -26.08 5.87 11.39
C ILE C 226 -26.55 4.58 10.72
N TYR C 227 -27.83 4.28 10.89
CA TYR C 227 -28.53 3.07 10.42
C TYR C 227 -29.75 3.50 9.62
N THR C 228 -30.14 2.75 8.59
CA THR C 228 -31.46 2.93 7.93
C THR C 228 -32.52 2.50 8.95
N ARG C 229 -33.53 3.35 9.20
CA ARG C 229 -34.67 3.07 10.11
C ARG C 229 -35.62 2.10 9.41
N VAL C 230 -35.71 0.85 9.88
CA VAL C 230 -36.47 -0.24 9.18
C VAL C 230 -37.96 0.13 9.14
N THR C 231 -38.52 0.68 10.22
CA THR C 231 -39.97 1.03 10.31
C THR C 231 -40.35 1.98 9.17
N TYR C 232 -39.42 2.87 8.77
CA TYR C 232 -39.62 3.87 7.69
C TYR C 232 -39.92 3.18 6.36
N TYR C 233 -39.32 2.00 6.09
CA TYR C 233 -39.38 1.33 4.77
C TYR C 233 -40.16 0.00 4.83
N LEU C 234 -40.98 -0.24 5.87
CA LEU C 234 -41.77 -1.49 6.02
C LEU C 234 -42.68 -1.71 4.81
N ASP C 235 -43.40 -0.67 4.36
CA ASP C 235 -44.34 -0.76 3.20
C ASP C 235 -43.57 -1.17 1.94
N TRP C 236 -42.38 -0.61 1.72
CA TRP C 236 -41.51 -0.95 0.57
C TRP C 236 -41.04 -2.41 0.68
N ILE C 237 -40.60 -2.85 1.87
CA ILE C 237 -40.16 -4.25 2.12
C ILE C 237 -41.34 -5.19 1.81
N HIS C 238 -42.51 -4.90 2.38
CA HIS C 238 -43.73 -5.75 2.28
C HIS C 238 -44.31 -5.73 0.86
N HIS C 239 -43.89 -4.80 0.01
CA HIS C 239 -44.25 -4.79 -1.44
C HIS C 239 -43.64 -6.01 -2.14
N TYR C 240 -42.51 -6.53 -1.66
CA TYR C 240 -41.74 -7.64 -2.28
C TYR C 240 -41.74 -8.90 -1.40
N VAL C 241 -41.60 -8.76 -0.09
CA VAL C 241 -41.40 -9.88 0.87
C VAL C 241 -42.76 -10.30 1.42
N PRO C 242 -43.18 -11.58 1.26
CA PRO C 242 -44.41 -12.07 1.88
C PRO C 242 -44.42 -11.95 3.41
N LYS C 243 -45.60 -11.66 3.98
CA LYS C 243 -45.87 -11.64 5.44
C LYS C 243 -46.16 -13.07 5.91
N ILE D 1 2.83 -21.86 -2.02
CA ILE D 1 3.07 -22.99 -2.97
C ILE D 1 2.44 -22.63 -4.32
N VAL D 2 3.24 -22.72 -5.40
CA VAL D 2 2.81 -22.43 -6.80
C VAL D 2 2.50 -23.77 -7.49
N GLY D 3 1.35 -23.85 -8.15
CA GLY D 3 0.92 -24.99 -8.96
C GLY D 3 0.60 -26.21 -8.14
N GLY D 4 0.26 -26.03 -6.86
CA GLY D 4 0.02 -27.14 -5.93
C GLY D 4 -1.42 -27.61 -5.92
N GLN D 5 -1.75 -28.46 -4.96
CA GLN D 5 -3.14 -28.80 -4.54
C GLN D 5 -3.20 -28.66 -3.02
N GLU D 6 -4.40 -28.58 -2.47
CA GLU D 6 -4.62 -28.68 -1.00
C GLU D 6 -4.12 -30.08 -0.57
N ALA D 7 -3.34 -30.13 0.51
CA ALA D 7 -2.82 -31.38 1.09
C ALA D 7 -3.98 -32.16 1.70
N PRO D 8 -4.09 -33.49 1.50
CA PRO D 8 -5.00 -34.30 2.31
C PRO D 8 -4.63 -34.23 3.79
N ARG D 9 -5.62 -34.34 4.68
CA ARG D 9 -5.50 -34.24 6.15
C ARG D 9 -4.46 -35.22 6.71
N SER D 10 -4.30 -36.39 6.09
CA SER D 10 -3.40 -37.48 6.52
C SER D 10 -1.92 -37.20 6.19
N LYS D 11 -1.62 -36.21 5.34
CA LYS D 11 -0.24 -36.00 4.80
C LYS D 11 0.47 -34.88 5.57
N TRP D 12 1.80 -35.00 5.65
CA TRP D 12 2.75 -33.98 6.16
C TRP D 12 2.47 -33.66 7.63
N PRO D 13 2.51 -34.67 8.53
CA PRO D 13 2.22 -34.44 9.96
C PRO D 13 3.31 -33.67 10.72
N TRP D 14 4.43 -33.37 10.06
CA TRP D 14 5.61 -32.64 10.59
C TRP D 14 5.56 -31.15 10.25
N GLN D 15 4.68 -30.71 9.33
CA GLN D 15 4.56 -29.30 8.89
C GLN D 15 4.17 -28.45 10.10
N VAL D 16 4.89 -27.35 10.33
CA VAL D 16 4.56 -26.35 11.38
C VAL D 16 4.53 -24.96 10.73
N SER D 17 3.79 -24.06 11.38
CA SER D 17 3.64 -22.63 11.03
C SER D 17 4.35 -21.82 12.11
N LEU D 18 5.25 -20.91 11.73
CA LEU D 18 5.89 -19.94 12.67
C LEU D 18 5.04 -18.67 12.70
N ARG D 19 4.75 -18.16 13.89
CA ARG D 19 3.84 -17.01 14.12
C ARG D 19 4.60 -15.88 14.81
N VAL D 20 4.37 -14.65 14.34
CA VAL D 20 4.97 -13.39 14.91
C VAL D 20 3.83 -12.61 15.56
N HIS D 21 4.08 -12.02 16.72
CA HIS D 21 3.09 -11.21 17.49
C HIS D 21 2.83 -9.91 16.74
N GLY D 22 1.56 -9.60 16.51
CA GLY D 22 1.12 -8.31 15.95
C GLY D 22 -0.34 -8.06 16.30
N PRO D 23 -1.14 -7.46 15.40
CA PRO D 23 -2.60 -7.41 15.57
C PRO D 23 -3.18 -8.81 15.85
N TYR D 24 -2.61 -9.83 15.22
CA TYR D 24 -2.85 -11.28 15.50
C TYR D 24 -1.54 -12.05 15.34
N TRP D 25 -1.56 -13.34 15.69
CA TRP D 25 -0.38 -14.24 15.59
C TRP D 25 -0.26 -14.71 14.14
N MET D 26 0.46 -13.93 13.33
CA MET D 26 0.49 -14.03 11.86
C MET D 26 1.57 -15.04 11.43
N HIS D 27 1.21 -15.93 10.50
CA HIS D 27 2.15 -16.83 9.78
C HIS D 27 3.16 -15.98 8.99
N PHE D 28 4.46 -16.24 9.17
CA PHE D 28 5.55 -15.62 8.35
C PHE D 28 6.46 -16.69 7.72
N CYS D 29 6.60 -17.88 8.31
CA CYS D 29 7.49 -18.95 7.78
C CYS D 29 6.95 -20.34 8.15
N GLY D 30 7.40 -21.35 7.40
CA GLY D 30 7.18 -22.76 7.70
C GLY D 30 8.32 -23.34 8.52
N GLY D 31 8.19 -24.62 8.85
CA GLY D 31 9.15 -25.42 9.63
C GLY D 31 8.77 -26.87 9.61
N SER D 32 9.60 -27.73 10.20
CA SER D 32 9.33 -29.18 10.34
C SER D 32 9.65 -29.60 11.78
N LEU D 33 8.79 -30.44 12.35
CA LEU D 33 9.06 -31.12 13.65
C LEU D 33 10.04 -32.27 13.40
N ILE D 34 11.25 -32.18 13.94
CA ILE D 34 12.32 -33.22 13.75
C ILE D 34 12.53 -33.99 15.07
N HIS D 35 11.88 -33.56 16.15
CA HIS D 35 11.94 -34.15 17.51
C HIS D 35 10.75 -33.57 18.27
N PRO D 36 10.15 -34.28 19.26
CA PRO D 36 9.06 -33.71 20.04
C PRO D 36 9.28 -32.29 20.62
N GLN D 37 10.53 -31.85 20.80
CA GLN D 37 10.85 -30.54 21.39
C GLN D 37 11.64 -29.64 20.41
N TRP D 38 11.81 -30.04 19.15
CA TRP D 38 12.67 -29.28 18.19
C TRP D 38 12.01 -29.11 16.82
N VAL D 39 12.03 -27.88 16.32
CA VAL D 39 11.56 -27.51 14.95
C VAL D 39 12.78 -27.09 14.13
N LEU D 40 12.90 -27.63 12.93
CA LEU D 40 13.88 -27.21 11.89
C LEU D 40 13.23 -26.14 11.00
N THR D 41 13.93 -25.03 10.77
CA THR D 41 13.49 -23.91 9.91
C THR D 41 14.69 -23.30 9.17
N ALA D 42 14.44 -22.21 8.44
CA ALA D 42 15.46 -21.40 7.74
C ALA D 42 15.93 -20.32 8.72
N ALA D 43 17.23 -20.08 8.79
CA ALA D 43 17.87 -18.98 9.56
C ALA D 43 17.29 -17.61 9.18
N HIS D 44 17.00 -17.35 7.90
CA HIS D 44 16.55 -16.03 7.40
C HIS D 44 15.16 -15.69 7.98
N CYS D 45 14.39 -16.70 8.40
CA CYS D 45 13.07 -16.53 9.06
C CYS D 45 13.22 -15.87 10.44
N VAL D 46 14.33 -16.15 11.15
CA VAL D 46 14.52 -15.75 12.57
C VAL D 46 15.85 -15.00 12.79
N GLY D 47 16.58 -14.67 11.72
CA GLY D 47 17.90 -14.00 11.81
C GLY D 47 18.24 -13.26 10.54
N PRO D 48 19.47 -12.70 10.40
CA PRO D 48 20.57 -12.92 11.34
C PRO D 48 20.49 -12.14 12.67
N ASP D 49 19.61 -11.14 12.79
CA ASP D 49 19.49 -10.30 14.02
C ASP D 49 18.72 -11.06 15.08
N VAL D 50 19.14 -10.93 16.35
CA VAL D 50 18.50 -11.55 17.53
C VAL D 50 17.13 -10.90 17.71
N LYS D 51 16.09 -11.72 17.79
CA LYS D 51 14.67 -11.29 17.99
C LYS D 51 14.19 -11.74 19.36
N ASP D 52 13.15 -11.06 19.87
CA ASP D 52 12.50 -11.37 21.17
C ASP D 52 11.73 -12.70 21.04
N LEU D 53 12.10 -13.69 21.84
CA LEU D 53 11.47 -15.04 21.87
C LEU D 53 9.97 -14.93 22.21
N ALA D 54 9.59 -13.97 23.06
CA ALA D 54 8.19 -13.75 23.52
C ALA D 54 7.27 -13.40 22.34
N ALA D 55 7.81 -12.84 21.25
CA ALA D 55 7.09 -12.43 20.02
C ALA D 55 6.99 -13.57 19.00
N LEU D 56 7.53 -14.76 19.30
CA LEU D 56 7.51 -15.94 18.39
C LEU D 56 6.68 -17.05 19.03
N ARG D 57 5.80 -17.70 18.26
CA ARG D 57 5.13 -18.97 18.65
C ARG D 57 5.10 -19.96 17.49
N VAL D 58 4.96 -21.23 17.80
CA VAL D 58 4.87 -22.36 16.83
C VAL D 58 3.45 -22.92 16.87
N GLN D 59 2.91 -23.20 15.69
CA GLN D 59 1.62 -23.92 15.49
C GLN D 59 1.93 -25.23 14.77
N LEU D 60 1.52 -26.36 15.35
CA LEU D 60 1.69 -27.71 14.75
C LEU D 60 0.72 -27.86 13.56
N ARG D 61 0.80 -28.96 12.83
CA ARG D 61 0.01 -29.23 11.59
C ARG D 61 -1.44 -28.78 11.81
N GLU D 62 -1.94 -27.86 10.99
CA GLU D 62 -3.40 -27.61 10.85
C GLU D 62 -3.74 -27.57 9.36
N GLN D 63 -4.92 -28.08 9.00
CA GLN D 63 -5.39 -28.16 7.59
C GLN D 63 -5.64 -26.74 7.06
N HIS D 64 -6.17 -25.85 7.91
CA HIS D 64 -6.51 -24.44 7.59
C HIS D 64 -5.88 -23.51 8.63
N LEU D 65 -4.93 -22.64 8.22
CA LEU D 65 -4.26 -21.68 9.13
C LEU D 65 -5.31 -20.89 9.92
N TYR D 66 -5.07 -20.72 11.22
CA TYR D 66 -5.76 -19.78 12.15
C TYR D 66 -7.05 -20.36 12.73
N TYR D 67 -7.61 -21.43 12.17
CA TYR D 67 -8.97 -21.93 12.52
CA TYR D 67 -8.98 -21.90 12.55
C TYR D 67 -8.95 -22.67 13.87
N GLN D 68 -7.89 -23.46 14.14
CA GLN D 68 -7.80 -24.30 15.37
C GLN D 68 -6.45 -24.06 16.04
N ASP D 69 -6.10 -22.80 16.32
CA ASP D 69 -4.74 -22.43 16.79
C ASP D 69 -4.56 -22.92 18.25
N GLN D 70 -3.48 -23.64 18.50
CA GLN D 70 -2.95 -23.96 19.84
C GLN D 70 -1.46 -23.59 19.81
N LEU D 71 -1.15 -22.34 20.10
CA LEU D 71 0.21 -21.76 19.86
C LEU D 71 1.15 -22.21 20.99
N LEU D 72 2.36 -22.64 20.61
CA LEU D 72 3.38 -23.18 21.56
C LEU D 72 4.51 -22.16 21.67
N PRO D 73 4.89 -21.76 22.90
CA PRO D 73 6.02 -20.84 23.09
C PRO D 73 7.37 -21.55 22.86
N VAL D 74 8.40 -20.76 22.56
CA VAL D 74 9.77 -21.21 22.21
C VAL D 74 10.71 -20.83 23.35
N SER D 75 11.55 -21.76 23.80
CA SER D 75 12.59 -21.53 24.86
C SER D 75 13.89 -21.03 24.24
N ARG D 76 14.25 -21.48 23.03
CA ARG D 76 15.57 -21.19 22.41
C ARG D 76 15.46 -21.07 20.88
N ILE D 77 16.12 -20.08 20.30
CA ILE D 77 16.38 -19.97 18.83
C ILE D 77 17.88 -20.21 18.63
N ILE D 78 18.24 -21.21 17.84
CA ILE D 78 19.65 -21.54 17.50
C ILE D 78 19.81 -21.39 15.99
N VAL D 79 20.58 -20.39 15.57
CA VAL D 79 20.80 -20.05 14.14
C VAL D 79 22.23 -20.44 13.82
N HIS D 80 22.44 -21.08 12.66
CA HIS D 80 23.79 -21.52 12.23
C HIS D 80 24.72 -20.32 12.28
N PRO D 81 25.88 -20.40 12.99
CA PRO D 81 26.76 -19.24 13.13
C PRO D 81 27.39 -18.74 11.82
N GLN D 82 27.36 -19.56 10.76
CA GLN D 82 27.86 -19.18 9.41
C GLN D 82 26.81 -18.34 8.66
N PHE D 83 25.58 -18.25 9.15
CA PHE D 83 24.47 -17.57 8.44
C PHE D 83 24.59 -16.04 8.57
N TYR D 84 24.56 -15.36 7.42
CA TYR D 84 24.24 -13.92 7.34
C TYR D 84 23.16 -13.68 6.27
N THR D 85 23.28 -14.25 5.07
CA THR D 85 22.22 -14.19 4.02
C THR D 85 22.01 -15.58 3.40
N ALA D 86 20.81 -15.82 2.85
CA ALA D 86 20.43 -17.09 2.19
C ALA D 86 21.34 -17.37 0.99
N GLN D 87 21.76 -16.33 0.26
CA GLN D 87 22.55 -16.47 -1.00
C GLN D 87 24.00 -16.87 -0.65
N ILE D 88 24.51 -16.46 0.51
CA ILE D 88 25.84 -16.90 1.01
C ILE D 88 25.72 -18.35 1.50
N GLY D 89 24.67 -18.68 2.26
CA GLY D 89 24.31 -20.04 2.67
C GLY D 89 24.24 -20.22 4.18
N ALA D 90 24.27 -21.47 4.64
CA ALA D 90 24.00 -21.89 6.05
C ALA D 90 22.62 -21.40 6.49
N ASP D 91 21.63 -21.44 5.59
CA ASP D 91 20.26 -20.93 5.86
C ASP D 91 19.49 -22.04 6.59
N ILE D 92 19.80 -22.21 7.87
CA ILE D 92 19.25 -23.29 8.73
C ILE D 92 19.23 -22.80 10.18
N ALA D 93 18.14 -23.07 10.89
CA ALA D 93 17.95 -22.72 12.31
C ALA D 93 17.11 -23.79 13.02
N LEU D 94 17.21 -23.82 14.35
CA LEU D 94 16.49 -24.75 15.25
C LEU D 94 15.69 -23.93 16.25
N LEU D 95 14.42 -24.31 16.47
CA LEU D 95 13.59 -23.77 17.58
C LEU D 95 13.43 -24.86 18.64
N GLU D 96 13.79 -24.58 19.88
CA GLU D 96 13.46 -25.48 21.02
C GLU D 96 12.14 -25.01 21.61
N LEU D 97 11.15 -25.90 21.67
CA LEU D 97 9.86 -25.64 22.34
C LEU D 97 10.08 -25.72 23.86
N GLU D 98 9.27 -25.03 24.63
CA GLU D 98 9.33 -25.01 26.12
C GLU D 98 8.93 -26.39 26.67
N GLU D 99 8.08 -27.12 25.94
CA GLU D 99 7.62 -28.47 26.32
C GLU D 99 7.74 -29.38 25.10
N PRO D 100 7.99 -30.69 25.31
CA PRO D 100 7.88 -31.66 24.23
C PRO D 100 6.40 -31.83 23.88
N VAL D 101 6.10 -31.97 22.59
CA VAL D 101 4.70 -32.19 22.12
C VAL D 101 4.41 -33.70 22.25
N LYS D 102 3.13 -34.05 22.42
CA LYS D 102 2.61 -35.43 22.31
C LYS D 102 2.44 -35.74 20.82
N VAL D 103 3.13 -36.75 20.33
CA VAL D 103 3.07 -37.18 18.90
C VAL D 103 1.86 -38.10 18.70
N SER D 104 1.38 -38.17 17.46
CA SER D 104 0.21 -38.98 17.01
C SER D 104 0.37 -39.26 15.50
N SER D 105 -0.58 -39.97 14.89
CA SER D 105 -0.60 -40.25 13.44
C SER D 105 -0.73 -38.93 12.66
N HIS D 106 -1.46 -37.95 13.21
CA HIS D 106 -1.79 -36.64 12.58
C HIS D 106 -0.68 -35.61 12.83
N VAL D 107 0.09 -35.73 13.92
CA VAL D 107 1.20 -34.80 14.27
C VAL D 107 2.40 -35.63 14.76
N HIS D 108 3.47 -35.71 13.98
CA HIS D 108 4.72 -36.42 14.36
C HIS D 108 5.91 -35.94 13.53
N THR D 109 7.10 -36.40 13.92
CA THR D 109 8.41 -35.90 13.42
C THR D 109 8.67 -36.40 12.00
N VAL D 110 9.50 -35.66 11.25
CA VAL D 110 10.06 -36.10 9.94
C VAL D 110 11.43 -36.73 10.23
N THR D 111 11.81 -37.70 9.42
CA THR D 111 13.12 -38.40 9.48
C THR D 111 14.14 -37.59 8.67
N LEU D 112 15.31 -37.34 9.25
CA LEU D 112 16.43 -36.67 8.55
C LEU D 112 17.19 -37.70 7.73
N PRO D 113 17.77 -37.31 6.56
CA PRO D 113 18.47 -38.27 5.70
C PRO D 113 19.80 -38.68 6.31
N PRO D 114 20.36 -39.86 5.92
CA PRO D 114 21.75 -40.17 6.22
C PRO D 114 22.67 -39.24 5.40
N ALA D 115 23.91 -39.06 5.86
CA ALA D 115 24.92 -38.17 5.25
C ALA D 115 25.14 -38.49 3.76
N SER D 116 25.06 -39.77 3.38
CA SER D 116 25.39 -40.27 2.03
C SER D 116 24.31 -39.90 1.00
N GLU D 117 23.08 -39.56 1.41
CA GLU D 117 21.95 -39.38 0.45
C GLU D 117 22.16 -38.07 -0.31
N THR D 118 22.21 -38.12 -1.66
CA THR D 118 22.45 -36.95 -2.56
C THR D 118 21.16 -36.38 -3.15
N PHE D 119 20.07 -37.16 -3.16
CA PHE D 119 18.75 -36.83 -3.75
C PHE D 119 18.90 -36.49 -5.23
N PRO D 120 19.19 -37.48 -6.12
CA PRO D 120 19.44 -37.18 -7.52
C PRO D 120 18.16 -36.80 -8.27
N PRO D 121 18.27 -36.15 -9.46
CA PRO D 121 17.11 -35.91 -10.33
C PRO D 121 16.29 -37.16 -10.62
N GLY D 122 14.96 -37.03 -10.71
CA GLY D 122 14.01 -38.13 -10.94
C GLY D 122 13.43 -38.65 -9.64
N MET D 123 14.08 -38.41 -8.51
CA MET D 123 13.54 -38.78 -7.17
C MET D 123 12.25 -38.01 -6.92
N PRO D 124 11.14 -38.66 -6.47
CA PRO D 124 9.89 -37.95 -6.21
C PRO D 124 9.99 -37.12 -4.92
N CYS D 125 9.88 -35.79 -5.03
CA CYS D 125 10.01 -34.86 -3.88
C CYS D 125 8.85 -33.86 -3.84
N TRP D 126 8.41 -33.54 -2.63
CA TRP D 126 7.26 -32.65 -2.37
C TRP D 126 7.68 -31.49 -1.46
N VAL D 127 7.18 -30.29 -1.75
CA VAL D 127 7.32 -29.09 -0.87
C VAL D 127 5.91 -28.68 -0.45
N THR D 128 5.76 -28.24 0.80
CA THR D 128 4.46 -27.95 1.47
C THR D 128 4.55 -26.60 2.19
N GLY D 129 3.43 -25.90 2.28
CA GLY D 129 3.32 -24.70 3.12
C GLY D 129 2.07 -23.89 2.83
N TRP D 130 1.94 -22.76 3.54
CA TRP D 130 0.82 -21.81 3.46
C TRP D 130 1.27 -20.52 2.77
N GLY D 131 2.34 -20.58 1.95
CA GLY D 131 2.90 -19.41 1.27
C GLY D 131 2.07 -19.00 0.06
N ASP D 132 2.51 -17.94 -0.62
CA ASP D 132 1.86 -17.32 -1.79
C ASP D 132 1.66 -18.37 -2.89
N VAL D 133 0.56 -18.26 -3.62
CA VAL D 133 0.18 -19.21 -4.71
C VAL D 133 0.76 -18.73 -6.05
N ASP D 134 1.34 -17.52 -6.07
CA ASP D 134 2.13 -16.97 -7.21
C ASP D 134 2.90 -15.75 -6.71
N ASN D 135 3.70 -15.11 -7.57
CA ASN D 135 4.44 -13.86 -7.23
C ASN D 135 3.42 -12.79 -6.79
N ASP D 136 3.58 -12.28 -5.57
CA ASP D 136 2.74 -11.20 -4.96
C ASP D 136 1.26 -11.61 -4.94
N GLU D 137 0.94 -12.91 -4.82
CA GLU D 137 -0.44 -13.46 -4.79
C GLU D 137 -0.61 -14.34 -3.54
N ARG D 138 -1.20 -13.79 -2.48
CA ARG D 138 -1.34 -14.48 -1.18
C ARG D 138 -2.25 -15.70 -1.31
N LEU D 139 -2.04 -16.71 -0.45
CA LEU D 139 -2.99 -17.83 -0.26
C LEU D 139 -4.32 -17.23 0.23
N PRO D 140 -5.44 -17.44 -0.49
CA PRO D 140 -6.75 -16.97 0.00
C PRO D 140 -7.24 -17.69 1.25
N PRO D 141 -8.11 -17.06 2.07
CA PRO D 141 -8.82 -17.78 3.14
C PRO D 141 -9.66 -18.90 2.50
N PRO D 142 -9.90 -20.05 3.18
CA PRO D 142 -9.48 -20.29 4.56
C PRO D 142 -8.07 -20.89 4.76
N PHE D 143 -7.14 -20.60 3.83
CA PHE D 143 -5.68 -20.84 4.01
C PHE D 143 -5.39 -22.33 4.16
N PRO D 144 -5.71 -23.17 3.15
CA PRO D 144 -5.42 -24.60 3.22
C PRO D 144 -3.91 -24.86 3.07
N LEU D 145 -3.38 -25.83 3.80
CA LEU D 145 -2.00 -26.33 3.58
C LEU D 145 -1.93 -26.87 2.14
N LYS D 146 -0.99 -26.36 1.35
CA LYS D 146 -0.78 -26.80 -0.05
C LYS D 146 0.48 -27.66 -0.13
N GLN D 147 0.51 -28.50 -1.16
CA GLN D 147 1.62 -29.43 -1.50
C GLN D 147 1.88 -29.28 -3.00
N VAL D 148 3.11 -29.50 -3.45
CA VAL D 148 3.40 -29.62 -4.91
C VAL D 148 4.60 -30.57 -5.07
N LYS D 149 4.52 -31.45 -6.07
CA LYS D 149 5.65 -32.33 -6.48
C LYS D 149 6.61 -31.48 -7.31
N VAL D 150 7.88 -31.40 -6.90
CA VAL D 150 8.90 -30.56 -7.59
C VAL D 150 10.00 -31.49 -8.11
N PRO D 151 10.43 -31.33 -9.39
CA PRO D 151 11.54 -32.12 -9.91
C PRO D 151 12.85 -31.55 -9.36
N ILE D 152 13.63 -32.39 -8.67
CA ILE D 152 15.01 -32.05 -8.24
C ILE D 152 15.86 -31.91 -9.51
N MET D 153 16.77 -30.92 -9.52
N MET D 153 16.80 -30.94 -9.48
CA MET D 153 17.77 -30.74 -10.60
CA MET D 153 17.76 -30.61 -10.56
C MET D 153 19.17 -30.66 -9.99
C MET D 153 19.18 -30.64 -9.97
N GLU D 154 20.16 -31.21 -10.69
CA GLU D 154 21.59 -31.25 -10.24
C GLU D 154 22.09 -29.82 -9.99
N ASN D 155 22.91 -29.63 -8.96
CA ASN D 155 23.43 -28.30 -8.52
C ASN D 155 24.13 -27.61 -9.69
N HIS D 156 24.94 -28.32 -10.49
CA HIS D 156 25.70 -27.72 -11.61
C HIS D 156 24.75 -27.19 -12.70
N ILE D 157 23.66 -27.91 -12.99
CA ILE D 157 22.62 -27.51 -14.00
C ILE D 157 21.90 -26.26 -13.51
N CYS D 158 21.53 -26.24 -12.23
CA CYS D 158 20.80 -25.12 -11.59
CA CYS D 158 20.79 -25.10 -11.63
C CYS D 158 21.71 -23.87 -11.51
N ASP D 159 22.99 -24.07 -11.18
CA ASP D 159 24.02 -23.00 -11.19
C ASP D 159 24.09 -22.37 -12.59
N ALA D 160 24.16 -23.19 -13.63
CA ALA D 160 24.22 -22.74 -15.05
C ALA D 160 22.95 -21.93 -15.39
N LYS D 161 21.76 -22.38 -14.96
CA LYS D 161 20.48 -21.67 -15.25
C LYS D 161 20.49 -20.28 -14.58
N TYR D 162 20.98 -20.15 -13.36
CA TYR D 162 21.04 -18.87 -12.61
C TYR D 162 21.98 -17.87 -13.30
N HIS D 163 22.93 -18.35 -14.11
CA HIS D 163 23.89 -17.52 -14.90
C HIS D 163 23.27 -17.04 -16.23
N LEU D 164 22.24 -17.73 -16.75
CA LEU D 164 21.54 -17.31 -17.99
C LEU D 164 20.76 -16.01 -17.70
N GLY D 165 20.99 -14.98 -18.52
CA GLY D 165 20.37 -13.65 -18.35
C GLY D 165 20.95 -12.90 -17.17
N ALA D 166 22.18 -13.23 -16.75
CA ALA D 166 22.91 -12.58 -15.63
C ALA D 166 24.27 -12.10 -16.10
N TYR D 167 24.79 -11.06 -15.47
CA TYR D 167 26.15 -10.52 -15.70
C TYR D 167 27.21 -11.36 -14.97
N THR D 168 26.82 -12.11 -13.95
CA THR D 168 27.73 -12.90 -13.07
C THR D 168 28.56 -13.84 -13.96
N GLY D 169 29.88 -13.84 -13.78
CA GLY D 169 30.82 -14.73 -14.49
C GLY D 169 30.47 -16.19 -14.28
N ASP D 170 30.56 -17.00 -15.33
CA ASP D 170 30.16 -18.44 -15.35
C ASP D 170 30.88 -19.25 -14.27
N ASP D 171 32.12 -18.88 -13.92
CA ASP D 171 32.97 -19.59 -12.93
C ASP D 171 32.76 -19.02 -11.52
N VAL D 172 31.86 -18.06 -11.34
CA VAL D 172 31.48 -17.52 -10.01
C VAL D 172 30.21 -18.25 -9.57
N ARG D 173 30.32 -19.19 -8.63
CA ARG D 173 29.21 -20.11 -8.28
C ARG D 173 28.11 -19.31 -7.57
N ILE D 174 26.86 -19.47 -8.00
CA ILE D 174 25.65 -18.86 -7.39
C ILE D 174 25.00 -19.90 -6.48
N VAL D 175 24.70 -21.08 -7.05
CA VAL D 175 24.09 -22.23 -6.32
C VAL D 175 25.23 -23.02 -5.67
N ARG D 176 25.30 -22.98 -4.33
CA ARG D 176 26.47 -23.46 -3.55
C ARG D 176 26.23 -24.91 -3.12
N ASP D 177 27.26 -25.55 -2.57
CA ASP D 177 27.30 -27.02 -2.35
C ASP D 177 26.41 -27.40 -1.15
N ASP D 178 26.14 -26.45 -0.25
CA ASP D 178 25.21 -26.63 0.91
C ASP D 178 23.77 -26.30 0.49
N MET D 179 23.49 -26.18 -0.82
CA MET D 179 22.14 -25.88 -1.35
C MET D 179 21.69 -27.01 -2.29
N LEU D 180 20.38 -27.10 -2.45
CA LEU D 180 19.68 -28.10 -3.27
C LEU D 180 18.67 -27.33 -4.11
N CYS D 181 18.43 -27.78 -5.34
CA CYS D 181 17.60 -27.06 -6.35
CA CYS D 181 17.62 -27.07 -6.35
C CYS D 181 16.43 -27.95 -6.77
N ALA D 182 15.23 -27.36 -6.83
CA ALA D 182 13.98 -28.05 -7.22
C ALA D 182 12.95 -27.06 -7.76
N GLY D 183 12.10 -27.53 -8.67
CA GLY D 183 10.95 -26.78 -9.21
C GLY D 183 11.16 -26.37 -10.65
N ASN D 184 10.11 -25.80 -11.25
CA ASN D 184 10.07 -25.34 -12.67
C ASN D 184 9.08 -24.16 -12.74
N THR D 185 8.63 -23.80 -13.94
CA THR D 185 7.74 -22.64 -14.20
C THR D 185 6.29 -22.95 -13.81
N ARG D 186 5.96 -24.21 -13.46
CA ARG D 186 4.60 -24.60 -13.02
C ARG D 186 4.58 -24.97 -11.52
N ARG D 187 5.71 -25.39 -10.95
CA ARG D 187 5.78 -26.04 -9.61
C ARG D 187 6.93 -25.42 -8.81
N ASP D 188 6.63 -24.75 -7.70
CA ASP D 188 7.66 -24.06 -6.88
C ASP D 188 7.08 -23.71 -5.50
N SER D 189 7.97 -23.44 -4.55
CA SER D 189 7.67 -22.78 -3.26
C SER D 189 7.73 -21.27 -3.50
N CYS D 190 7.15 -20.49 -2.59
CA CYS D 190 7.05 -19.02 -2.72
C CYS D 190 7.13 -18.37 -1.34
N GLN D 191 6.95 -17.04 -1.29
CA GLN D 191 7.02 -16.22 -0.05
C GLN D 191 6.00 -16.80 0.96
N GLY D 192 6.45 -17.08 2.19
CA GLY D 192 5.63 -17.71 3.25
C GLY D 192 5.88 -19.19 3.39
N ASP D 193 6.48 -19.84 2.37
CA ASP D 193 6.87 -21.28 2.43
C ASP D 193 8.27 -21.42 3.05
N SER D 194 9.05 -20.34 3.12
CA SER D 194 10.42 -20.30 3.69
C SER D 194 10.50 -21.03 5.01
N GLY D 195 11.56 -21.83 5.21
CA GLY D 195 11.79 -22.61 6.43
C GLY D 195 11.07 -23.95 6.42
N GLY D 196 10.11 -24.14 5.51
CA GLY D 196 9.29 -25.35 5.41
C GLY D 196 10.09 -26.48 4.76
N PRO D 197 9.53 -27.71 4.77
CA PRO D 197 10.27 -28.89 4.33
C PRO D 197 10.11 -29.20 2.83
N LEU D 198 11.23 -29.61 2.22
CA LEU D 198 11.26 -30.41 0.97
C LEU D 198 11.53 -31.86 1.38
N VAL D 199 10.58 -32.75 1.09
CA VAL D 199 10.62 -34.17 1.55
C VAL D 199 10.60 -35.09 0.32
N CYS D 200 11.45 -36.12 0.33
CA CYS D 200 11.56 -37.14 -0.74
C CYS D 200 11.31 -38.52 -0.12
N LYS D 201 10.49 -39.34 -0.78
CA LYS D 201 10.13 -40.70 -0.35
C LYS D 201 11.22 -41.66 -0.86
N VAL D 202 12.02 -42.22 0.05
CA VAL D 202 13.21 -43.06 -0.27
C VAL D 202 13.06 -44.41 0.44
N ASN D 203 12.82 -45.49 -0.32
CA ASN D 203 12.63 -46.88 0.20
C ASN D 203 11.51 -46.88 1.23
N GLY D 204 10.37 -46.26 0.88
CA GLY D 204 9.15 -46.23 1.71
C GLY D 204 9.21 -45.22 2.85
N THR D 205 10.34 -44.54 3.10
CA THR D 205 10.48 -43.57 4.22
C THR D 205 10.58 -42.15 3.65
N TRP D 206 9.79 -41.22 4.20
CA TRP D 206 9.90 -39.76 3.93
C TRP D 206 11.16 -39.22 4.60
N LEU D 207 12.05 -38.62 3.82
CA LEU D 207 13.29 -37.95 4.32
C LEU D 207 13.22 -36.47 3.96
N GLN D 208 13.57 -35.58 4.90
CA GLN D 208 13.69 -34.13 4.60
C GLN D 208 15.02 -33.86 3.88
N ALA D 209 14.96 -33.65 2.57
CA ALA D 209 16.10 -33.26 1.71
C ALA D 209 16.48 -31.79 1.92
N GLY D 210 15.50 -30.91 2.12
CA GLY D 210 15.66 -29.45 1.98
C GLY D 210 14.86 -28.63 2.97
N VAL D 211 15.36 -27.42 3.22
CA VAL D 211 14.63 -26.30 3.90
C VAL D 211 14.44 -25.22 2.84
N VAL D 212 13.20 -24.76 2.64
CA VAL D 212 12.87 -23.68 1.66
C VAL D 212 13.72 -22.46 2.03
N SER D 213 14.58 -21.99 1.11
CA SER D 213 15.62 -20.96 1.40
C SER D 213 15.37 -19.70 0.57
N TRP D 214 15.60 -19.75 -0.75
CA TRP D 214 15.57 -18.53 -1.60
C TRP D 214 15.35 -18.89 -3.07
N GLY D 215 15.17 -17.85 -3.88
CA GLY D 215 15.14 -17.93 -5.35
C GLY D 215 14.89 -16.54 -5.92
N GLU D 216 14.99 -16.40 -7.24
CA GLU D 216 14.57 -15.16 -7.94
C GLU D 216 13.09 -15.31 -8.26
N GLY D 217 12.23 -14.69 -7.44
CA GLY D 217 10.77 -14.83 -7.54
C GLY D 217 10.36 -16.28 -7.36
N CYS D 218 9.21 -16.65 -7.93
CA CYS D 218 8.57 -17.99 -7.81
C CYS D 218 8.19 -18.47 -9.20
N ALA D 219 8.59 -19.69 -9.56
CA ALA D 219 8.25 -20.38 -10.83
C ALA D 219 8.62 -19.52 -12.03
N GLN D 220 9.77 -18.82 -11.98
CA GLN D 220 10.28 -17.95 -13.06
C GLN D 220 11.21 -18.77 -13.95
N PRO D 221 11.24 -18.49 -15.29
CA PRO D 221 12.16 -19.19 -16.20
C PRO D 221 13.63 -19.13 -15.77
N ASN D 222 14.32 -20.28 -15.76
CA ASN D 222 15.77 -20.43 -15.46
C ASN D 222 16.09 -20.03 -14.01
N ARG D 223 15.09 -20.04 -13.11
CA ARG D 223 15.26 -19.62 -11.69
C ARG D 223 14.51 -20.61 -10.79
N PRO D 224 14.98 -21.88 -10.72
CA PRO D 224 14.37 -22.85 -9.82
C PRO D 224 14.56 -22.49 -8.34
N GLY D 225 13.68 -23.01 -7.48
CA GLY D 225 13.73 -22.82 -6.02
C GLY D 225 15.04 -23.35 -5.46
N ILE D 226 15.66 -22.63 -4.54
CA ILE D 226 16.89 -23.05 -3.81
C ILE D 226 16.48 -23.40 -2.38
N TYR D 227 17.02 -24.52 -1.90
CA TYR D 227 16.75 -25.10 -0.56
C TYR D 227 18.08 -25.31 0.13
N THR D 228 18.12 -25.17 1.46
CA THR D 228 19.28 -25.60 2.27
C THR D 228 19.35 -27.13 2.19
N ARG D 229 20.52 -27.68 1.86
CA ARG D 229 20.77 -29.14 1.78
C ARG D 229 20.95 -29.67 3.21
N VAL D 230 20.00 -30.45 3.71
CA VAL D 230 19.97 -30.90 5.15
C VAL D 230 21.19 -31.78 5.46
N THR D 231 21.61 -32.65 4.53
CA THR D 231 22.75 -33.59 4.75
C THR D 231 24.01 -32.81 5.12
N TYR D 232 24.18 -31.61 4.57
CA TYR D 232 25.37 -30.74 4.80
C TYR D 232 25.47 -30.33 6.27
N TYR D 233 24.34 -30.19 6.99
CA TYR D 233 24.25 -29.59 8.35
C TYR D 233 23.84 -30.62 9.43
N LEU D 234 23.86 -31.92 9.12
CA LEU D 234 23.46 -33.00 10.07
C LEU D 234 24.28 -32.93 11.37
N ASP D 235 25.61 -32.77 11.28
CA ASP D 235 26.51 -32.71 12.46
C ASP D 235 26.12 -31.53 13.37
N TRP D 236 25.80 -30.37 12.78
CA TRP D 236 25.36 -29.17 13.52
C TRP D 236 24.00 -29.45 14.18
N ILE D 237 23.06 -30.04 13.45
CA ILE D 237 21.71 -30.42 14.00
C ILE D 237 21.91 -31.36 15.20
N HIS D 238 22.74 -32.40 15.04
CA HIS D 238 22.99 -33.46 16.06
C HIS D 238 23.77 -32.90 17.26
N HIS D 239 24.39 -31.72 17.15
CA HIS D 239 24.98 -31.00 18.29
C HIS D 239 23.90 -30.61 19.31
N TYR D 240 22.68 -30.29 18.84
CA TYR D 240 21.59 -29.71 19.67
C TYR D 240 20.45 -30.70 19.86
N VAL D 241 20.05 -31.42 18.81
CA VAL D 241 18.81 -32.25 18.79
C VAL D 241 19.19 -33.67 19.16
N PRO D 242 18.70 -34.22 20.31
CA PRO D 242 19.03 -35.59 20.70
C PRO D 242 18.52 -36.60 19.66
N LYS D 243 19.32 -37.64 19.40
CA LYS D 243 18.92 -38.79 18.54
C LYS D 243 17.79 -39.55 19.24
N LYS D 244 16.94 -40.24 18.47
CA LYS D 244 15.76 -41.01 18.97
C LYS D 244 16.27 -41.99 20.04
N PRO D 245 15.54 -42.23 21.16
CA PRO D 245 16.05 -43.09 22.23
C PRO D 245 16.26 -44.54 21.78
C ACT E . 12.85 10.55 -5.42
O ACT E . 12.47 10.23 -6.60
OXT ACT E . 13.96 11.08 -5.14
CH3 ACT E . 11.89 10.26 -4.26
C1 EDO F . 30.88 21.66 2.71
O1 EDO F . 29.87 21.55 1.72
C2 EDO F . 31.92 20.61 2.57
O2 EDO F . 32.95 20.91 1.64
S SO4 G . 35.17 22.53 -1.08
O1 SO4 G . 35.99 21.87 -0.10
O2 SO4 G . 35.14 23.94 -0.80
O3 SO4 G . 35.72 22.33 -2.39
O4 SO4 G . 33.83 22.00 -1.02
C1 EDO H . 15.81 -0.29 -12.01
O1 EDO H . 14.76 -0.89 -11.28
C2 EDO H . 16.06 -0.97 -13.31
O2 EDO H . 17.30 -0.62 -13.92
C1 GOL I . 18.83 22.80 -12.18
O1 GOL I . 19.92 22.15 -11.52
C2 GOL I . 17.52 22.61 -11.46
O2 GOL I . 17.20 21.21 -11.41
C3 GOL I . 17.52 23.17 -10.05
O3 GOL I . 16.71 24.34 -9.91
O1 MES J . 21.78 1.36 2.02
C2 MES J . 20.45 1.81 1.78
C3 MES J . 19.64 0.76 1.03
N4 MES J . 20.28 0.45 -0.27
C5 MES J . 21.72 0.10 -0.04
C6 MES J . 22.43 1.15 0.77
C7 MES J . 19.59 -0.69 -0.99
C8 MES J . 18.27 -0.31 -1.63
S MES J . 18.47 0.63 -3.13
O1S MES J . 17.15 0.94 -3.58
O2S MES J . 19.18 -0.22 -4.04
O3S MES J . 19.22 1.80 -2.76
C1 EDO K . 43.18 -4.50 -3.67
O1 EDO K . 44.15 -4.59 -2.64
C2 EDO K . 43.42 -5.44 -4.80
O2 EDO K . 42.23 -5.89 -5.44
C1 EDO L . 14.89 1.24 4.35
O1 EDO L . 15.67 1.47 5.49
C2 EDO L . 15.51 1.77 3.11
O2 EDO L . 16.83 1.26 2.84
C1 EDO M . 26.78 14.39 14.61
O1 EDO M . 26.10 14.62 15.82
C2 EDO M . 27.66 13.19 14.64
O2 EDO M . 28.93 13.37 14.05
S SO4 N . 18.25 22.05 5.47
O1 SO4 N . 18.76 21.75 6.78
O2 SO4 N . 19.33 22.02 4.51
O3 SO4 N . 17.27 21.06 5.10
O4 SO4 N . 17.65 23.36 5.48
C ACT O . 0.90 15.84 -6.74
O ACT O . 0.47 16.65 -7.60
OXT ACT O . 1.23 16.16 -5.57
CH3 ACT O . 1.04 14.36 -7.15
C1 EDO P . -5.39 35.14 -19.03
O1 EDO P . -4.24 35.94 -18.83
C2 EDO P . -4.98 33.72 -19.24
O2 EDO P . -5.94 32.73 -18.91
OH2 1PE Q . -6.49 16.52 3.91
C12 1PE Q . -7.28 17.60 4.37
C22 1PE Q . -6.49 18.86 4.49
OH3 1PE Q . -7.27 19.89 5.08
C13 1PE Q . -6.66 21.47 6.79
C23 1PE Q . -6.52 21.08 5.35
OH4 1PE Q . -6.38 20.36 7.64
C14 1PE Q . -5.75 19.59 9.84
C24 1PE Q . -5.83 20.75 8.90
OH5 1PE Q . -6.88 19.60 10.73
C15 1PE Q . -7.93 18.56 12.63
C25 1PE Q . -6.62 18.95 11.97
OH6 1PE Q . -8.59 19.71 13.12
C16 1PE Q . -8.97 21.33 14.86
C26 1PE Q . -8.23 20.07 14.46
OH7 1PE Q . -8.14 22.30 15.47
S SO4 R . -12.72 15.08 -28.13
O1 SO4 R . -12.69 14.59 -26.77
O2 SO4 R . -13.05 16.48 -28.13
O3 SO4 R . -11.43 14.88 -28.74
O4 SO4 R . -13.73 14.36 -28.86
S SO4 S . -6.48 33.68 -23.98
O1 SO4 S . -7.08 34.70 -23.16
O2 SO4 S . -5.25 34.18 -24.53
O3 SO4 S . -6.20 32.51 -23.19
O4 SO4 S . -7.39 33.32 -25.05
C1 EDO T . -7.01 20.11 -24.77
O1 EDO T . -8.25 20.59 -24.31
C2 EDO T . -6.15 21.22 -25.24
O2 EDO T . -5.34 21.78 -24.23
O1 MES U . -13.59 14.56 -9.89
C2 MES U . -12.75 13.62 -9.23
C3 MES U . -13.13 13.45 -7.78
N4 MES U . -13.08 14.77 -7.06
C5 MES U . -13.89 15.77 -7.83
C6 MES U . -13.46 15.83 -9.27
C7 MES U . -13.57 14.63 -5.64
C8 MES U . -12.61 13.87 -4.73
S MES U . -11.03 14.66 -4.53
O1S MES U . -11.16 15.55 -3.40
O2S MES U . -10.76 15.35 -5.75
O3S MES U . -10.09 13.61 -4.28
C1 EDO V . -6.62 28.32 -24.82
O1 EDO V . -6.79 29.47 -24.01
C2 EDO V . -5.24 27.79 -24.82
O2 EDO V . -4.67 27.63 -23.54
C1 GOL W . 7.34 28.79 -12.18
O1 GOL W . 6.30 29.17 -11.28
C2 GOL W . 8.21 27.69 -11.59
O2 GOL W . 7.42 26.54 -11.29
C3 GOL W . 9.36 27.32 -12.50
O3 GOL W . 8.97 26.39 -13.50
O1 MES X . -20.01 2.55 9.50
C2 MES X . -21.02 1.76 8.89
C3 MES X . -21.12 2.04 7.41
N4 MES X . -19.81 1.83 6.71
C5 MES X . -18.71 2.54 7.46
C6 MES X . -18.76 2.20 8.92
C7 MES X . -19.88 2.31 5.29
C8 MES X . -18.70 1.95 4.41
S MES X . -18.68 0.22 3.94
O1S MES X . -18.99 -0.53 5.12
O2S MES X . -17.34 -0.03 3.46
O3S MES X . -19.67 0.05 2.91
C ACT Y . -12.74 -9.95 6.43
O ACT Y . -12.76 -10.50 5.28
OXT ACT Y . -13.64 -10.08 7.30
CH3 ACT Y . -11.52 -9.06 6.78
S SO4 Z . -31.21 -14.26 24.01
O1 SO4 Z . -31.68 -13.07 24.66
O2 SO4 Z . -29.99 -13.98 23.28
O3 SO4 Z . -30.92 -15.26 25.01
O4 SO4 Z . -32.22 -14.76 23.11
C1 GOL AA . -19.04 -23.07 11.36
O1 GOL AA . -19.95 -21.98 11.44
C2 GOL AA . -17.63 -22.62 11.02
O2 GOL AA . -17.68 -21.61 10.02
C3 GOL AA . -16.82 -22.11 12.19
O3 GOL AA . -16.65 -23.09 13.22
C1 EDO BA . -27.76 -11.25 23.95
O1 EDO BA . -28.94 -11.24 24.73
C2 EDO BA . -26.54 -11.55 24.74
O2 EDO BA . -25.47 -12.09 23.97
S SO4 CA . -13.48 -11.65 22.60
O1 SO4 CA . -13.40 -10.94 23.85
O2 SO4 CA . -13.39 -10.71 21.50
O3 SO4 CA . -12.39 -12.58 22.51
O4 SO4 CA . -14.72 -12.35 22.52
C1 EDO DA . -19.26 0.99 27.59
O1 EDO DA . -18.40 1.41 28.63
C2 EDO DA . -20.18 2.05 27.10
O2 EDO DA . -21.56 1.81 27.34
C ACT EA . -1.47 -16.29 5.20
O ACT EA . -1.16 -17.49 4.97
OXT ACT EA . -1.41 -15.74 6.33
CH3 ACT EA . -1.91 -15.43 4.00
C1 EDO FA . -0.18 -32.49 -6.66
O1 EDO FA . -0.77 -31.98 -5.47
C2 EDO FA . 0.85 -31.58 -7.23
O2 EDO FA . 2.12 -32.13 -7.48
S SO4 GA . 4.73 -30.41 -15.11
O1 SO4 GA . 5.67 -29.54 -14.46
O2 SO4 GA . 5.17 -30.65 -16.46
O3 SO4 GA . 4.66 -31.66 -14.41
O4 SO4 GA . 3.43 -29.80 -15.13
S SO4 HA . 2.17 -41.56 1.33
O1 SO4 HA . 2.80 -41.65 2.62
O2 SO4 HA . 1.82 -40.20 1.04
O3 SO4 HA . 3.05 -42.05 0.31
O4 SO4 HA . 0.97 -42.36 1.35
C1 EDO IA . 1.20 -37.49 -2.53
O1 EDO IA . 0.11 -36.74 -2.08
C2 EDO IA . 1.69 -38.46 -1.52
O2 EDO IA . 2.82 -39.23 -1.91
OH2 1PE JA . 8.80 -11.20 11.16
C12 1PE JA . 9.64 -11.40 12.28
C22 1PE JA . 10.00 -12.84 12.43
OH3 1PE JA . 10.54 -13.07 13.73
C13 1PE JA . 9.98 -12.93 16.05
C23 1PE JA . 9.57 -13.44 14.71
OH4 1PE JA . 10.53 -11.62 15.93
C14 1PE JA . 10.90 -9.43 16.84
C24 1PE JA . 10.26 -10.78 17.04
OH5 1PE JA . 11.75 -9.14 17.94
C15 1PE JA . 13.23 -7.24 18.00
C25 1PE JA . 11.83 -7.76 18.27
OH6 1PE JA . 14.18 -7.93 18.82
C16 1PE JA . 15.40 -8.13 20.87
C26 1PE JA . 14.33 -7.38 20.12
OH7 1PE JA . 15.01 -8.50 22.19
O1 MES KA . 11.69 -19.28 -2.22
C2 MES KA . 10.39 -18.70 -2.20
C3 MES KA . 10.42 -17.27 -1.73
N4 MES KA . 11.10 -17.11 -0.40
C5 MES KA . 12.41 -17.83 -0.44
C6 MES KA . 12.21 -19.25 -0.90
C7 MES KA . 11.30 -15.65 -0.08
C8 MES KA . 11.77 -15.36 1.33
S MES KA . 10.41 -15.24 2.48
O1S MES KA . 9.67 -14.08 2.10
O2S MES KA . 11.01 -15.13 3.79
O3S MES KA . 9.65 -16.46 2.33
C1 EDO LA . 2.79 -39.58 6.26
O1 EDO LA . 1.57 -39.31 6.91
C2 EDO LA . 2.84 -39.03 4.88
O2 EDO LA . 3.04 -37.62 4.82
C1 GOL MA . -7.22 -27.98 11.86
O1 GOL MA . -7.46 -29.24 11.25
C2 GOL MA . -8.06 -26.85 11.28
O2 GOL MA . -7.26 -25.68 11.15
C3 GOL MA . -8.71 -27.14 9.94
O3 GOL MA . -9.88 -27.95 10.05
#